data_6CJ6
#
_entry.id   6CJ6
#
_cell.length_a   65.450
_cell.length_b   75.080
_cell.length_c   136.250
_cell.angle_alpha   90.00
_cell.angle_beta   90.00
_cell.angle_gamma   90.00
#
_symmetry.space_group_name_H-M   'P 21 21 21'
#
loop_
_entity.id
_entity.type
_entity.pdbx_description
1 polymer 'Protein F9'
2 non-polymer 'TETRAETHYLENE GLYCOL'
3 non-polymer 2-(2-METHOXYETHOXY)ETHANOL
4 non-polymer DI(HYDROXYETHYL)ETHER
5 non-polymer 1,2-ETHANEDIOL
6 non-polymer GLYCEROL
7 non-polymer 1,3-PROPANDIOL
8 non-polymer ETHANOL
9 non-polymer METHANOL
10 non-polymer S-1,2-PROPANEDIOL
11 non-polymer 2-ETHOXYETHANOL
12 non-polymer 2-{2-[2-2-(METHOXY-ETHOXY)-ETHOXY]-ETHOXY}-ETHANOL
13 non-polymer 'TRIETHYLENE GLYCOL'
14 non-polymer 3,6,9,12,15,18-HEXAOXAICOSANE-1,20-DIOL
15 non-polymer 'HEXAETHYLENE GLYCOL'
16 water water
#
_entity_poly.entity_id   1
_entity_poly.type   'polypeptide(L)'
_entity_poly.pdbx_seq_one_letter_code
;MAETKEFKTLYNLFIDSYLQKLAQHSIPTNVTCAIHIGEVIGQFKNCALRITNKCMSNSRLSFTLMVESFIEVISLLPEK
DRRAIAEEIGIDLDDVPSAVSKLEKNCNAYAEVNNIIDIQKLDIGECSAPPGQHMLLQIVNTGSAEANCGLQTIVKSLNK
IYVPPIIENRLPYYDP
;
_entity_poly.pdbx_strand_id   A,B,C,D
#
loop_
_chem_comp.id
_chem_comp.type
_chem_comp.name
_chem_comp.formula
EDO non-polymer 1,2-ETHANEDIOL 'C2 H6 O2'
EOH non-polymer ETHANOL 'C2 H6 O'
ETE non-polymer 2-{2-[2-2-(METHOXY-ETHOXY)-ETHOXY]-ETHOXY}-ETHANOL 'C9 H20 O5'
ETX non-polymer 2-ETHOXYETHANOL 'C4 H10 O2'
GOL non-polymer GLYCEROL 'C3 H8 O3'
MOH non-polymer METHANOL 'C H4 O'
P33 non-polymer 3,6,9,12,15,18-HEXAOXAICOSANE-1,20-DIOL 'C14 H30 O8'
P6G non-polymer 'HEXAETHYLENE GLYCOL' 'C12 H26 O7'
PDO non-polymer 1,3-PROPANDIOL 'C3 H8 O2'
PEG non-polymer DI(HYDROXYETHYL)ETHER 'C4 H10 O3'
PG0 non-polymer 2-(2-METHOXYETHOXY)ETHANOL 'C5 H12 O3'
PG4 non-polymer 'TETRAETHYLENE GLYCOL' 'C8 H18 O5'
PGE non-polymer 'TRIETHYLENE GLYCOL' 'C6 H14 O4'
PGO non-polymer S-1,2-PROPANEDIOL 'C3 H8 O2'
#
# COMPACT_ATOMS: atom_id res chain seq x y z
N ALA A 2 36.42 -2.41 7.30
CA ALA A 2 36.16 -3.82 7.02
C ALA A 2 34.66 -4.09 6.88
N GLU A 3 34.28 -5.37 6.96
CA GLU A 3 32.90 -5.76 6.86
C GLU A 3 32.19 -5.56 8.20
N THR A 4 30.89 -5.27 8.14
CA THR A 4 30.11 -5.07 9.36
C THR A 4 29.93 -6.40 10.10
N LYS A 5 30.04 -6.34 11.42
CA LYS A 5 29.87 -7.52 12.25
C LYS A 5 28.40 -7.73 12.61
N GLU A 6 28.01 -8.98 12.75
CA GLU A 6 26.60 -9.29 12.97
C GLU A 6 26.16 -8.89 14.37
N PHE A 7 25.04 -8.20 14.45
CA PHE A 7 24.40 -7.83 15.72
C PHE A 7 23.34 -8.89 15.99
N LYS A 8 23.74 -9.94 16.70
CA LYS A 8 22.90 -11.13 16.84
C LYS A 8 21.83 -10.95 17.91
N THR A 9 20.66 -11.54 17.65
CA THR A 9 19.53 -11.56 18.56
C THR A 9 19.06 -12.99 18.72
N LEU A 10 18.00 -13.17 19.51
CA LEU A 10 17.44 -14.51 19.72
C LEU A 10 16.82 -15.07 18.45
N TYR A 11 16.28 -14.19 17.57
CA TYR A 11 15.69 -14.69 16.34
C TYR A 11 16.71 -15.42 15.48
N ASN A 12 17.98 -15.00 15.54
CA ASN A 12 19.04 -15.72 14.83
C ASN A 12 19.11 -17.17 15.29
N LEU A 13 19.09 -17.40 16.60
CA LEU A 13 19.11 -18.77 17.11
C LEU A 13 17.86 -19.52 16.70
N PHE A 14 16.70 -18.86 16.72
CA PHE A 14 15.46 -19.52 16.35
C PHE A 14 15.47 -19.93 14.90
N ILE A 15 15.79 -19.00 13.99
CA ILE A 15 15.67 -19.29 12.58
C ILE A 15 16.69 -20.34 12.15
N ASP A 16 17.89 -20.31 12.74
CA ASP A 16 18.88 -21.33 12.42
C ASP A 16 18.38 -22.71 12.82
N SER A 17 17.73 -22.81 13.97
CA SER A 17 17.08 -24.06 14.37
C SER A 17 15.95 -24.41 13.42
N TYR A 18 15.12 -23.43 13.09
CA TYR A 18 13.95 -23.69 12.26
C TYR A 18 14.35 -24.09 10.84
N LEU A 19 15.41 -23.49 10.31
CA LEU A 19 15.83 -23.80 8.94
C LEU A 19 16.33 -25.24 8.84
N GLN A 20 17.06 -25.73 9.85
CA GLN A 20 17.49 -27.12 9.86
C GLN A 20 16.30 -28.07 9.73
N LYS A 21 15.25 -27.82 10.50
CA LYS A 21 14.08 -28.69 10.49
C LYS A 21 13.35 -28.61 9.15
N LEU A 22 13.30 -27.41 8.56
CA LEU A 22 12.62 -27.26 7.26
C LEU A 22 13.30 -28.07 6.18
N ALA A 23 14.64 -28.12 6.19
CA ALA A 23 15.37 -28.86 5.17
C ALA A 23 15.13 -30.36 5.28
N GLN A 24 15.01 -30.88 6.50
CA GLN A 24 14.75 -32.30 6.68
C GLN A 24 13.33 -32.68 6.26
N HIS A 25 12.34 -31.88 6.67
CA HIS A 25 10.94 -32.18 6.41
C HIS A 25 10.48 -31.83 5.00
N SER A 26 11.40 -31.78 4.04
CA SER A 26 11.04 -31.72 2.63
C SER A 26 10.93 -33.14 2.11
N ILE A 27 9.71 -33.55 1.73
CA ILE A 27 9.48 -34.87 1.20
C ILE A 27 9.89 -34.97 -0.24
N PRO A 28 9.38 -34.06 -1.07
CA PRO A 28 10.03 -33.81 -2.35
C PRO A 28 11.21 -32.88 -2.14
N THR A 29 11.24 -31.77 -2.87
CA THR A 29 12.08 -30.63 -2.53
C THR A 29 11.24 -29.45 -2.12
N ASN A 30 10.29 -29.07 -2.98
CA ASN A 30 9.23 -28.14 -2.64
C ASN A 30 7.96 -28.62 -3.32
N VAL A 31 6.85 -27.99 -2.98
CA VAL A 31 5.64 -28.12 -3.79
C VAL A 31 5.37 -26.77 -4.43
N THR A 32 4.18 -26.59 -4.99
CA THR A 32 3.81 -25.29 -5.55
C THR A 32 3.56 -24.32 -4.41
N CYS A 33 4.48 -23.37 -4.22
CA CYS A 33 4.29 -22.33 -3.23
C CYS A 33 3.02 -21.55 -3.55
N ALA A 34 1.98 -21.72 -2.73
CA ALA A 34 0.71 -21.06 -2.98
C ALA A 34 0.80 -19.56 -2.76
N ILE A 35 1.76 -19.09 -1.97
CA ILE A 35 1.92 -17.68 -1.65
C ILE A 35 3.40 -17.33 -1.66
N HIS A 36 3.70 -16.06 -1.91
CA HIS A 36 5.07 -15.56 -1.95
C HIS A 36 5.17 -14.28 -1.16
N ILE A 37 6.37 -14.02 -0.64
CA ILE A 37 6.65 -12.78 0.08
C ILE A 37 7.02 -11.73 -0.97
N GLY A 38 6.18 -10.71 -1.11
CA GLY A 38 6.42 -9.70 -2.12
C GLY A 38 6.53 -8.30 -1.55
N GLU A 39 6.62 -8.18 -0.23
CA GLU A 39 6.55 -6.87 0.40
C GLU A 39 6.98 -6.97 1.87
N VAL A 40 8.05 -6.29 2.23
CA VAL A 40 8.57 -6.27 3.59
C VAL A 40 8.51 -4.85 4.12
N ILE A 41 7.89 -4.67 5.28
CA ILE A 41 7.82 -3.36 5.91
C ILE A 41 8.54 -3.41 7.25
N GLY A 42 8.87 -2.24 7.75
CA GLY A 42 9.60 -2.11 9.00
C GLY A 42 10.44 -0.87 9.00
N GLN A 43 11.19 -0.70 10.09
CA GLN A 43 12.11 0.42 10.27
C GLN A 43 13.52 -0.13 10.14
N PHE A 44 14.25 0.35 9.12
CA PHE A 44 15.56 -0.20 8.78
C PHE A 44 16.64 0.81 9.09
N LYS A 45 17.72 0.35 9.72
CA LYS A 45 18.87 1.19 9.99
C LYS A 45 20.10 0.58 9.33
N ASN A 46 20.63 -0.49 9.92
CA ASN A 46 21.67 -1.30 9.28
C ASN A 46 21.16 -2.74 9.20
N CYS A 47 20.15 -2.95 8.35
CA CYS A 47 19.45 -4.21 8.26
C CYS A 47 20.04 -5.09 7.17
N ALA A 48 20.23 -6.36 7.49
CA ALA A 48 20.59 -7.39 6.52
C ALA A 48 19.45 -8.39 6.45
N LEU A 49 18.72 -8.37 5.34
CA LEU A 49 17.60 -9.28 5.14
C LEU A 49 18.01 -10.43 4.23
N ARG A 50 17.59 -11.64 4.59
CA ARG A 50 17.83 -12.84 3.79
C ARG A 50 16.47 -13.49 3.55
N ILE A 51 15.92 -13.28 2.35
CA ILE A 51 14.60 -13.77 2.01
C ILE A 51 14.76 -15.01 1.13
N THR A 52 14.14 -16.12 1.56
CA THR A 52 14.22 -17.38 0.85
C THR A 52 12.86 -18.05 0.86
N ASN A 53 12.59 -18.83 -0.18
CA ASN A 53 11.39 -19.65 -0.25
C ASN A 53 11.74 -21.10 0.08
N LYS A 54 10.89 -21.73 0.88
CA LYS A 54 11.08 -23.12 1.30
C LYS A 54 9.73 -23.68 1.69
N CYS A 55 8.78 -23.64 0.77
CA CYS A 55 7.40 -23.94 1.12
C CYS A 55 7.18 -25.43 1.24
N MET A 56 6.09 -25.79 1.92
CA MET A 56 5.77 -27.18 2.21
C MET A 56 4.27 -27.39 2.10
N SER A 57 3.85 -28.62 2.40
CA SER A 57 2.49 -29.04 2.09
C SER A 57 1.46 -28.33 2.95
N ASN A 58 1.72 -28.19 4.25
CA ASN A 58 0.70 -27.71 5.16
C ASN A 58 1.29 -26.83 6.26
N SER A 59 0.46 -25.95 6.79
CA SER A 59 0.91 -25.01 7.81
C SER A 59 1.07 -25.67 9.17
N ARG A 60 0.33 -26.75 9.44
CA ARG A 60 0.45 -27.44 10.71
C ARG A 60 1.86 -27.96 10.93
N LEU A 61 2.49 -28.49 9.88
CA LEU A 61 3.88 -28.94 9.99
C LEU A 61 4.81 -27.75 10.22
N SER A 62 4.53 -26.64 9.55
CA SER A 62 5.33 -25.43 9.76
C SER A 62 5.27 -25.00 11.22
N PHE A 63 4.06 -24.80 11.73
CA PHE A 63 3.89 -24.36 13.12
C PHE A 63 4.47 -25.35 14.11
N THR A 64 4.46 -26.64 13.79
CA THR A 64 5.02 -27.63 14.71
C THR A 64 6.52 -27.45 14.89
N LEU A 65 7.27 -27.43 13.80
CA LEU A 65 8.70 -27.15 13.88
C LEU A 65 8.96 -25.71 14.31
N MET A 66 8.06 -24.80 13.94
CA MET A 66 8.13 -23.42 14.40
C MET A 66 8.05 -23.36 15.92
N VAL A 67 7.19 -24.19 16.53
CA VAL A 67 7.05 -24.17 17.98
C VAL A 67 8.19 -24.91 18.66
N GLU A 68 8.63 -26.04 18.08
CA GLU A 68 9.79 -26.75 18.62
C GLU A 68 10.98 -25.81 18.76
N SER A 69 11.26 -25.05 17.70
CA SER A 69 12.41 -24.14 17.72
C SER A 69 12.21 -23.04 18.76
N PHE A 70 10.99 -22.51 18.88
CA PHE A 70 10.73 -21.46 19.86
C PHE A 70 11.00 -21.95 21.27
N ILE A 71 10.45 -23.11 21.63
CA ILE A 71 10.70 -23.67 22.95
C ILE A 71 12.19 -23.95 23.14
N GLU A 72 12.82 -24.54 22.12
CA GLU A 72 14.24 -24.86 22.22
C GLU A 72 15.08 -23.62 22.46
N VAL A 73 14.75 -22.52 21.78
CA VAL A 73 15.57 -21.31 21.87
C VAL A 73 15.23 -20.50 23.11
N ILE A 74 13.95 -20.43 23.48
CA ILE A 74 13.54 -19.59 24.60
C ILE A 74 14.06 -20.11 25.93
N SER A 75 14.40 -21.40 26.03
CA SER A 75 14.86 -21.97 27.28
C SER A 75 16.16 -21.32 27.78
N LEU A 76 16.90 -20.65 26.91
CA LEU A 76 18.13 -19.97 27.30
C LEU A 76 17.87 -18.67 28.05
N LEU A 77 16.61 -18.37 28.38
CA LEU A 77 16.24 -17.18 29.11
C LEU A 77 15.82 -17.53 30.53
N PRO A 78 15.93 -16.59 31.47
CA PRO A 78 15.42 -16.84 32.81
C PRO A 78 13.93 -17.18 32.80
N GLU A 79 13.48 -17.78 33.91
CA GLU A 79 12.15 -18.36 33.97
C GLU A 79 11.06 -17.33 33.67
N LYS A 80 11.08 -16.20 34.38
CA LYS A 80 10.05 -15.19 34.17
C LYS A 80 10.12 -14.58 32.77
N ASP A 81 11.33 -14.49 32.20
CA ASP A 81 11.47 -13.98 30.84
C ASP A 81 10.84 -14.94 29.82
N ARG A 82 10.98 -16.25 30.06
CA ARG A 82 10.43 -17.23 29.12
C ARG A 82 8.92 -17.15 29.05
N ARG A 83 8.25 -17.26 30.20
CA ARG A 83 6.79 -17.28 30.21
C ARG A 83 6.20 -15.97 29.72
N ALA A 84 6.88 -14.84 29.97
CA ALA A 84 6.35 -13.55 29.56
C ALA A 84 6.27 -13.45 28.04
N ILE A 85 7.37 -13.75 27.35
CA ILE A 85 7.38 -13.63 25.89
C ILE A 85 6.50 -14.70 25.26
N ALA A 86 6.48 -15.91 25.84
CA ALA A 86 5.63 -16.96 25.31
C ALA A 86 4.16 -16.55 25.35
N GLU A 87 3.77 -15.79 26.38
CA GLU A 87 2.38 -15.35 26.47
C GLU A 87 2.07 -14.23 25.49
N GLU A 88 3.08 -13.43 25.13
CA GLU A 88 2.84 -12.38 24.14
C GLU A 88 2.71 -12.97 22.73
N ILE A 89 3.48 -14.01 22.42
CA ILE A 89 3.40 -14.63 21.10
C ILE A 89 2.17 -15.53 21.00
N GLY A 90 1.81 -16.21 22.09
CA GLY A 90 0.67 -17.09 22.09
C GLY A 90 1.04 -18.56 22.02
N ILE A 91 2.10 -18.94 22.73
CA ILE A 91 2.58 -20.31 22.78
C ILE A 91 2.64 -20.76 24.23
N ASP A 92 2.06 -21.91 24.53
CA ASP A 92 2.09 -22.48 25.87
C ASP A 92 3.32 -23.36 26.01
N LEU A 93 4.17 -23.05 26.98
CA LEU A 93 5.40 -23.82 27.17
C LEU A 93 5.17 -25.20 27.75
N ASP A 94 3.95 -25.51 28.21
CA ASP A 94 3.64 -26.83 28.74
C ASP A 94 3.06 -27.78 27.70
N ASP A 95 2.27 -27.25 26.76
CA ASP A 95 1.72 -28.10 25.71
C ASP A 95 2.85 -28.76 24.92
N VAL A 96 2.52 -29.88 24.28
CA VAL A 96 3.49 -30.53 23.39
C VAL A 96 3.65 -29.66 22.15
N PRO A 97 4.84 -29.62 21.55
CA PRO A 97 5.06 -28.72 20.40
C PRO A 97 4.13 -28.96 19.23
N SER A 98 3.34 -30.04 19.23
CA SER A 98 2.38 -30.29 18.17
C SER A 98 1.01 -29.72 18.47
N ALA A 99 0.75 -29.27 19.69
CA ALA A 99 -0.55 -28.71 20.03
C ALA A 99 -0.74 -27.38 19.32
N VAL A 100 -1.92 -27.19 18.72
CA VAL A 100 -2.25 -25.93 18.05
C VAL A 100 -2.24 -24.78 19.05
N SER A 101 -1.20 -23.96 18.99
CA SER A 101 -1.07 -22.85 19.92
C SER A 101 -2.12 -21.77 19.62
N LYS A 102 -2.26 -20.84 20.56
CA LYS A 102 -3.06 -19.65 20.29
C LYS A 102 -2.48 -18.83 19.15
N LEU A 103 -1.16 -18.79 19.03
CA LEU A 103 -0.53 -18.11 17.91
C LEU A 103 -1.07 -18.64 16.58
N GLU A 104 -1.06 -19.96 16.40
CA GLU A 104 -1.49 -20.55 15.14
C GLU A 104 -2.97 -20.29 14.87
N LYS A 105 -3.81 -20.41 15.91
CA LYS A 105 -5.22 -20.09 15.73
C LYS A 105 -5.42 -18.62 15.40
N ASN A 106 -4.66 -17.74 16.06
CA ASN A 106 -4.74 -16.32 15.74
C ASN A 106 -4.32 -16.08 14.29
N CYS A 107 -3.26 -16.74 13.83
CA CYS A 107 -2.82 -16.61 12.46
C CYS A 107 -3.83 -17.21 11.48
N ASN A 108 -4.31 -18.43 11.78
CA ASN A 108 -5.32 -19.05 10.93
C ASN A 108 -6.54 -18.16 10.80
N ALA A 109 -6.94 -17.48 11.88
CA ALA A 109 -8.11 -16.62 11.83
C ALA A 109 -7.83 -15.35 11.03
N TYR A 110 -6.61 -14.83 11.13
CA TYR A 110 -6.25 -13.66 10.33
C TYR A 110 -6.30 -13.99 8.84
N ALA A 111 -5.98 -15.23 8.48
CA ALA A 111 -5.96 -15.61 7.07
C ALA A 111 -7.36 -15.75 6.50
N GLU A 112 -8.35 -16.04 7.34
CA GLU A 112 -9.72 -16.21 6.86
C GLU A 112 -10.32 -14.91 6.35
N VAL A 113 -9.82 -13.76 6.81
CA VAL A 113 -10.37 -12.48 6.40
C VAL A 113 -9.42 -11.71 5.48
N ASN A 114 -8.12 -11.98 5.51
CA ASN A 114 -7.14 -11.19 4.80
C ASN A 114 -7.32 -11.32 3.29
N ASN A 115 -6.52 -10.55 2.55
CA ASN A 115 -6.71 -10.38 1.12
C ASN A 115 -6.18 -11.48 0.22
N ILE A 116 -6.85 -12.64 0.25
CA ILE A 116 -6.77 -13.71 -0.75
C ILE A 116 -5.42 -13.91 -1.43
N ILE A 117 -4.99 -12.91 -2.21
CA ILE A 117 -4.12 -13.09 -3.36
C ILE A 117 -2.74 -13.69 -3.03
N ASP A 118 -1.98 -14.01 -4.08
CA ASP A 118 -0.76 -14.81 -3.98
C ASP A 118 0.42 -14.09 -3.36
N ILE A 119 0.31 -12.80 -3.06
CA ILE A 119 1.43 -12.01 -2.54
C ILE A 119 1.12 -11.64 -1.10
N GLN A 120 2.11 -11.82 -0.22
CA GLN A 120 1.97 -11.54 1.20
C GLN A 120 2.94 -10.43 1.59
N LYS A 121 2.45 -9.47 2.38
CA LYS A 121 3.30 -8.48 3.01
C LYS A 121 3.73 -9.01 4.36
N LEU A 122 4.98 -8.71 4.74
CA LEU A 122 5.54 -9.17 6.00
C LEU A 122 6.16 -8.00 6.75
N ASP A 123 5.76 -7.84 8.01
CA ASP A 123 6.24 -6.75 8.87
C ASP A 123 7.30 -7.31 9.82
N ILE A 124 8.53 -6.83 9.68
CA ILE A 124 9.62 -7.33 10.50
C ILE A 124 9.84 -6.44 11.72
N GLY A 125 8.97 -5.46 11.91
CA GLY A 125 9.11 -4.56 13.05
C GLY A 125 10.32 -3.64 12.95
N GLU A 126 11.29 -3.82 13.84
CA GLU A 126 12.44 -2.94 13.93
C GLU A 126 13.70 -3.73 13.61
N CYS A 127 14.37 -3.36 12.53
CA CYS A 127 15.62 -3.99 12.11
C CYS A 127 16.71 -2.92 12.16
N SER A 128 17.34 -2.76 13.32
CA SER A 128 18.32 -1.71 13.55
C SER A 128 19.55 -2.27 14.25
N ALA A 129 20.72 -1.78 13.85
CA ALA A 129 22.00 -2.18 14.41
C ALA A 129 22.90 -0.96 14.54
N PRO A 130 23.84 -0.97 15.47
CA PRO A 130 24.75 0.17 15.64
C PRO A 130 25.64 0.33 14.42
N PRO A 131 26.31 1.47 14.27
CA PRO A 131 27.23 1.67 13.14
C PRO A 131 28.40 0.68 13.22
N GLY A 132 28.80 0.17 12.06
CA GLY A 132 29.79 -0.89 12.01
C GLY A 132 29.23 -2.28 12.24
N GLN A 133 27.93 -2.42 12.43
CA GLN A 133 27.29 -3.70 12.63
C GLN A 133 26.08 -3.83 11.73
N HIS A 134 25.49 -5.04 11.71
CA HIS A 134 24.30 -5.31 10.93
C HIS A 134 23.46 -6.34 11.64
N MET A 135 22.14 -6.21 11.53
CA MET A 135 21.21 -7.19 12.06
C MET A 135 20.80 -8.12 10.93
N LEU A 136 21.29 -9.35 10.96
CA LEU A 136 20.85 -10.35 10.00
C LEU A 136 19.47 -10.86 10.39
N LEU A 137 18.55 -10.85 9.42
CA LEU A 137 17.16 -11.23 9.65
C LEU A 137 16.72 -12.15 8.52
N GLN A 138 16.91 -13.45 8.71
CA GLN A 138 16.53 -14.45 7.72
C GLN A 138 15.02 -14.67 7.76
N ILE A 139 14.34 -14.35 6.67
CA ILE A 139 12.89 -14.51 6.55
C ILE A 139 12.64 -15.61 5.51
N VAL A 140 11.96 -16.67 5.92
CA VAL A 140 11.71 -17.81 5.06
C VAL A 140 10.21 -17.89 4.77
N ASN A 141 9.87 -17.97 3.49
CA ASN A 141 8.49 -18.15 3.05
C ASN A 141 8.20 -19.64 2.97
N THR A 142 7.17 -20.10 3.68
CA THR A 142 6.73 -21.49 3.56
C THR A 142 5.45 -21.64 2.74
N GLY A 143 5.13 -20.64 1.92
CA GLY A 143 4.00 -20.77 1.02
C GLY A 143 2.65 -20.87 1.69
N SER A 144 2.55 -20.43 2.94
CA SER A 144 1.29 -20.37 3.65
C SER A 144 1.17 -19.00 4.30
N ALA A 145 0.01 -18.36 4.11
CA ALA A 145 -0.23 -17.08 4.74
C ALA A 145 -0.26 -17.20 6.26
N GLU A 146 -0.84 -18.29 6.77
CA GLU A 146 -0.93 -18.45 8.22
C GLU A 146 0.41 -18.77 8.84
N ALA A 147 1.23 -19.58 8.16
CA ALA A 147 2.56 -19.87 8.69
C ALA A 147 3.47 -18.65 8.61
N ASN A 148 3.39 -17.89 7.52
CA ASN A 148 4.14 -16.65 7.43
C ASN A 148 3.73 -15.68 8.53
N CYS A 149 2.45 -15.67 8.88
CA CYS A 149 1.99 -14.88 10.02
C CYS A 149 2.65 -15.32 11.30
N GLY A 150 2.85 -16.64 11.47
CA GLY A 150 3.51 -17.12 12.68
C GLY A 150 4.95 -16.67 12.75
N LEU A 151 5.67 -16.76 11.64
CA LEU A 151 7.06 -16.30 11.62
C LEU A 151 7.13 -14.80 11.91
N GLN A 152 6.19 -14.02 11.35
CA GLN A 152 6.18 -12.58 11.57
C GLN A 152 6.04 -12.25 13.04
N THR A 153 5.05 -12.86 13.70
CA THR A 153 4.87 -12.62 15.13
C THR A 153 6.13 -12.96 15.90
N ILE A 154 6.80 -14.05 15.53
CA ILE A 154 8.03 -14.46 16.20
C ILE A 154 9.17 -13.50 15.90
N VAL A 155 9.28 -13.02 14.65
CA VAL A 155 10.30 -12.02 14.32
C VAL A 155 10.16 -10.80 15.21
N LYS A 156 8.97 -10.20 15.19
CA LYS A 156 8.75 -8.93 15.88
C LYS A 156 8.93 -9.02 17.39
N SER A 157 9.10 -10.23 17.94
CA SER A 157 9.33 -10.40 19.37
C SER A 157 10.77 -10.82 19.66
N LEU A 158 11.24 -11.91 19.07
CA LEU A 158 12.61 -12.37 19.32
C LEU A 158 13.66 -11.40 18.78
N ASN A 159 13.29 -10.53 17.83
CA ASN A 159 14.24 -9.59 17.27
C ASN A 159 14.66 -8.52 18.25
N LYS A 160 13.86 -8.28 19.27
CA LYS A 160 14.14 -7.23 20.26
C LYS A 160 15.04 -7.70 21.38
N ILE A 161 15.41 -8.98 21.42
CA ILE A 161 16.16 -9.56 22.53
C ILE A 161 17.58 -9.81 22.08
N TYR A 162 18.53 -9.11 22.71
CA TYR A 162 19.91 -9.06 22.25
C TYR A 162 20.73 -10.19 22.87
N VAL A 163 21.57 -10.81 22.05
CA VAL A 163 22.47 -11.89 22.46
C VAL A 163 23.88 -11.34 22.45
N PRO A 164 24.57 -11.28 23.59
CA PRO A 164 25.93 -10.76 23.59
C PRO A 164 26.84 -11.64 22.76
N PRO A 165 27.86 -11.07 22.12
CA PRO A 165 28.62 -11.81 21.11
C PRO A 165 29.55 -12.85 21.70
N ILE A 166 29.80 -13.90 20.92
CA ILE A 166 30.71 -14.98 21.30
C ILE A 166 31.22 -15.71 20.06
N GLU B 3 -31.89 13.89 3.78
CA GLU B 3 -30.60 13.76 3.12
C GLU B 3 -29.74 14.99 3.40
N THR B 4 -28.44 14.88 3.11
CA THR B 4 -27.48 15.94 3.36
C THR B 4 -27.30 16.78 2.11
N LYS B 5 -26.98 18.06 2.29
CA LYS B 5 -26.90 19.02 1.20
C LYS B 5 -25.45 19.41 0.92
N GLU B 6 -25.19 19.77 -0.33
CA GLU B 6 -23.84 19.78 -0.87
C GLU B 6 -23.00 20.95 -0.35
N PHE B 7 -21.75 20.64 -0.01
CA PHE B 7 -20.75 21.64 0.37
C PHE B 7 -19.92 21.94 -0.88
N LYS B 8 -20.45 22.84 -1.70
CA LYS B 8 -19.89 23.07 -3.02
C LYS B 8 -18.52 23.75 -2.93
N THR B 9 -17.64 23.38 -3.86
CA THR B 9 -16.31 23.97 -3.98
C THR B 9 -16.06 24.32 -5.45
N LEU B 10 -14.86 24.84 -5.73
CA LEU B 10 -14.52 25.19 -7.10
C LEU B 10 -14.31 23.97 -7.97
N TYR B 11 -14.02 22.80 -7.38
CA TYR B 11 -13.85 21.60 -8.19
C TYR B 11 -15.17 21.11 -8.77
N ASN B 12 -16.28 21.34 -8.05
CA ASN B 12 -17.58 20.95 -8.59
C ASN B 12 -17.89 21.67 -9.89
N LEU B 13 -17.49 22.94 -9.98
CA LEU B 13 -17.68 23.68 -11.23
C LEU B 13 -16.74 23.16 -12.33
N PHE B 14 -15.48 22.90 -11.98
CA PHE B 14 -14.53 22.38 -12.96
C PHE B 14 -15.00 21.05 -13.54
N ILE B 15 -15.31 20.09 -12.67
CA ILE B 15 -15.61 18.74 -13.13
C ILE B 15 -16.92 18.70 -13.92
N ASP B 16 -17.90 19.52 -13.52
CA ASP B 16 -19.12 19.64 -14.31
C ASP B 16 -18.81 20.08 -15.73
N SER B 17 -17.92 21.07 -15.86
CA SER B 17 -17.48 21.51 -17.18
C SER B 17 -16.73 20.39 -17.90
N TYR B 18 -15.75 19.79 -17.22
CA TYR B 18 -14.91 18.78 -17.84
C TYR B 18 -15.72 17.57 -18.29
N LEU B 19 -16.69 17.15 -17.47
CA LEU B 19 -17.54 16.03 -17.86
C LEU B 19 -18.39 16.37 -19.09
N GLN B 20 -18.89 17.61 -19.15
CA GLN B 20 -19.61 18.05 -20.34
C GLN B 20 -18.74 17.95 -21.58
N LYS B 21 -17.49 18.39 -21.49
CA LYS B 21 -16.59 18.35 -22.64
C LYS B 21 -16.27 16.92 -23.07
N LEU B 22 -16.04 16.03 -22.10
CA LEU B 22 -15.67 14.66 -22.43
C LEU B 22 -16.75 13.96 -23.24
N ALA B 23 -18.02 14.29 -22.99
CA ALA B 23 -19.12 13.72 -23.76
C ALA B 23 -19.44 14.52 -25.00
N GLN B 24 -19.36 15.86 -24.91
CA GLN B 24 -19.66 16.75 -26.02
C GLN B 24 -18.70 16.60 -27.21
N HIS B 25 -17.71 15.73 -27.11
CA HIS B 25 -16.81 15.46 -28.23
C HIS B 25 -17.21 14.16 -28.92
N PRO B 28 -15.27 11.06 -30.35
CA PRO B 28 -14.24 10.78 -29.36
C PRO B 28 -14.15 9.27 -29.11
N THR B 29 -13.15 8.64 -29.73
CA THR B 29 -12.98 7.19 -29.66
C THR B 29 -12.89 6.72 -28.21
N ASN B 30 -13.80 5.81 -27.85
CA ASN B 30 -13.75 5.13 -26.55
C ASN B 30 -12.96 3.84 -26.76
N VAL B 31 -11.64 3.93 -26.62
CA VAL B 31 -10.77 2.78 -26.80
C VAL B 31 -10.94 1.86 -25.60
N THR B 32 -10.02 0.91 -25.44
CA THR B 32 -9.99 0.10 -24.23
C THR B 32 -9.75 0.94 -23.00
N CYS B 33 -9.83 0.27 -21.86
CA CYS B 33 -9.51 0.89 -20.57
C CYS B 33 -8.18 0.31 -20.10
N ALA B 34 -7.10 1.03 -20.40
CA ALA B 34 -5.76 0.55 -20.12
C ALA B 34 -5.39 0.67 -18.65
N ILE B 35 -5.86 1.70 -17.96
CA ILE B 35 -5.61 1.88 -16.54
C ILE B 35 -6.95 2.09 -15.85
N HIS B 36 -7.04 1.58 -14.63
CA HIS B 36 -8.20 1.80 -13.77
C HIS B 36 -7.71 2.38 -12.45
N ILE B 37 -8.52 3.27 -11.89
CA ILE B 37 -8.24 3.81 -10.56
C ILE B 37 -8.78 2.82 -9.53
N GLY B 38 -7.87 2.07 -8.91
CA GLY B 38 -8.29 1.05 -7.96
C GLY B 38 -7.84 1.33 -6.54
N GLU B 39 -7.60 2.60 -6.22
CA GLU B 39 -7.08 2.96 -4.91
C GLU B 39 -7.27 4.46 -4.73
N VAL B 40 -8.10 4.84 -3.76
CA VAL B 40 -8.38 6.25 -3.48
C VAL B 40 -7.84 6.56 -2.09
N ILE B 41 -6.96 7.56 -2.01
CA ILE B 41 -6.27 7.90 -0.77
C ILE B 41 -6.61 9.33 -0.40
N GLY B 42 -6.77 9.58 0.89
CA GLY B 42 -7.00 10.92 1.36
C GLY B 42 -7.58 10.91 2.76
N GLN B 43 -7.96 12.09 3.22
CA GLN B 43 -8.70 12.26 4.47
C GLN B 43 -10.17 12.45 4.12
N PHE B 44 -11.04 11.68 4.78
CA PHE B 44 -12.47 11.74 4.52
C PHE B 44 -13.20 12.08 5.80
N LYS B 45 -14.12 13.04 5.72
CA LYS B 45 -15.02 13.31 6.84
C LYS B 45 -16.45 12.97 6.43
N ASN B 46 -17.09 13.85 5.68
CA ASN B 46 -18.40 13.59 5.09
C ASN B 46 -18.23 13.63 3.57
N CYS B 47 -17.48 12.67 3.04
CA CYS B 47 -17.06 12.70 1.65
C CYS B 47 -18.05 11.93 0.78
N ALA B 48 -18.54 12.60 -0.26
CA ALA B 48 -19.29 11.95 -1.32
C ALA B 48 -18.37 11.84 -2.54
N LEU B 49 -18.07 10.61 -2.92
CA LEU B 49 -17.12 10.31 -3.98
C LEU B 49 -17.88 9.62 -5.11
N ARG B 50 -17.71 10.10 -6.34
CA ARG B 50 -18.39 9.54 -7.50
C ARG B 50 -17.34 9.17 -8.53
N ILE B 51 -17.13 7.87 -8.73
CA ILE B 51 -16.06 7.36 -9.57
C ILE B 51 -16.67 6.78 -10.83
N THR B 52 -16.22 7.27 -11.98
CA THR B 52 -16.66 6.78 -13.28
C THR B 52 -15.44 6.55 -14.17
N ASN B 53 -15.66 5.83 -15.26
CA ASN B 53 -14.61 5.53 -16.23
C ASN B 53 -15.00 6.12 -17.58
N LYS B 54 -14.13 6.97 -18.12
CA LYS B 54 -14.23 7.45 -19.50
C LYS B 54 -12.85 7.32 -20.16
N CYS B 55 -12.41 6.07 -20.32
CA CYS B 55 -11.07 5.78 -20.80
C CYS B 55 -10.98 6.10 -22.28
N MET B 56 -10.27 7.16 -22.63
CA MET B 56 -10.21 7.67 -24.00
C MET B 56 -8.84 7.41 -24.63
N SER B 57 -8.71 7.89 -25.86
CA SER B 57 -7.57 7.50 -26.71
C SER B 57 -6.26 8.06 -26.17
N ASN B 58 -6.15 9.38 -26.07
CA ASN B 58 -4.87 10.02 -25.80
C ASN B 58 -5.01 11.03 -24.67
N SER B 59 -3.90 11.24 -23.95
CA SER B 59 -3.91 12.14 -22.82
C SER B 59 -3.90 13.60 -23.26
N ARG B 60 -3.36 13.88 -24.45
CA ARG B 60 -3.33 15.25 -24.95
C ARG B 60 -4.73 15.84 -25.03
N LEU B 61 -5.69 15.07 -25.54
CA LEU B 61 -7.07 15.56 -25.58
C LEU B 61 -7.64 15.73 -24.17
N SER B 62 -7.23 14.87 -23.23
CA SER B 62 -7.72 15.00 -21.87
C SER B 62 -7.21 16.29 -21.23
N PHE B 63 -5.89 16.49 -21.24
CA PHE B 63 -5.32 17.71 -20.68
C PHE B 63 -5.84 18.95 -21.38
N THR B 64 -6.10 18.86 -22.68
CA THR B 64 -6.61 20.01 -23.41
C THR B 64 -7.99 20.41 -22.91
N LEU B 65 -8.88 19.42 -22.73
CA LEU B 65 -10.20 19.72 -22.19
C LEU B 65 -10.13 20.08 -20.71
N MET B 66 -9.23 19.45 -19.96
CA MET B 66 -9.02 19.83 -18.56
C MET B 66 -8.62 21.30 -18.45
N VAL B 67 -7.69 21.75 -19.30
CA VAL B 67 -7.21 23.13 -19.23
C VAL B 67 -8.33 24.12 -19.57
N GLU B 68 -9.06 23.85 -20.67
CA GLU B 68 -10.23 24.66 -21.01
C GLU B 68 -11.13 24.84 -19.79
N SER B 69 -11.50 23.73 -19.14
CA SER B 69 -12.35 23.79 -17.97
C SER B 69 -11.69 24.60 -16.85
N PHE B 70 -10.39 24.38 -16.63
CA PHE B 70 -9.69 25.12 -15.60
C PHE B 70 -9.77 26.63 -15.84
N ILE B 71 -9.47 27.06 -17.06
CA ILE B 71 -9.50 28.49 -17.37
C ILE B 71 -10.92 29.04 -17.29
N GLU B 72 -11.89 28.27 -17.80
CA GLU B 72 -13.28 28.71 -17.77
C GLU B 72 -13.78 28.90 -16.34
N VAL B 73 -13.33 28.04 -15.43
CA VAL B 73 -13.81 28.09 -14.05
C VAL B 73 -12.98 29.03 -13.18
N ILE B 74 -11.68 29.15 -13.45
CA ILE B 74 -10.82 29.98 -12.62
C ILE B 74 -11.14 31.47 -12.80
N SER B 75 -11.70 31.84 -13.96
CA SER B 75 -11.96 33.25 -14.24
C SER B 75 -13.03 33.84 -13.34
N LEU B 76 -13.79 33.02 -12.63
CA LEU B 76 -14.81 33.50 -11.69
C LEU B 76 -14.20 34.03 -10.39
N LEU B 77 -12.88 34.04 -10.27
CA LEU B 77 -12.12 34.48 -9.11
C LEU B 77 -11.50 35.84 -9.37
N PRO B 78 -11.04 36.55 -8.33
CA PRO B 78 -10.28 37.78 -8.54
C PRO B 78 -8.96 37.50 -9.24
N GLU B 79 -8.27 38.60 -9.61
CA GLU B 79 -7.05 38.52 -10.41
C GLU B 79 -5.95 37.69 -9.73
N LYS B 80 -5.32 38.28 -8.71
CA LYS B 80 -4.24 37.63 -7.98
C LYS B 80 -4.64 36.26 -7.46
N ASP B 81 -5.93 36.01 -7.28
CA ASP B 81 -6.39 34.66 -6.95
C ASP B 81 -6.29 33.73 -8.15
N ARG B 82 -6.44 34.24 -9.37
CA ARG B 82 -6.28 33.41 -10.56
C ARG B 82 -4.82 33.00 -10.74
N ARG B 83 -3.90 33.96 -10.66
CA ARG B 83 -2.50 33.69 -10.96
C ARG B 83 -1.90 32.71 -9.96
N ALA B 84 -2.18 32.91 -8.66
CA ALA B 84 -1.57 32.09 -7.63
C ALA B 84 -1.94 30.62 -7.78
N ILE B 85 -3.22 30.35 -8.05
CA ILE B 85 -3.66 28.96 -8.14
C ILE B 85 -3.26 28.33 -9.47
N ALA B 86 -3.39 29.08 -10.57
CA ALA B 86 -3.01 28.55 -11.87
C ALA B 86 -1.53 28.19 -11.90
N GLU B 87 -0.70 28.94 -11.18
CA GLU B 87 0.72 28.66 -11.13
C GLU B 87 1.05 27.56 -10.13
N GLU B 88 0.26 27.43 -9.06
CA GLU B 88 0.45 26.31 -8.14
C GLU B 88 0.10 24.98 -8.80
N ILE B 89 -0.86 24.99 -9.73
CA ILE B 89 -1.20 23.79 -10.47
C ILE B 89 -0.28 23.55 -11.66
N GLY B 90 0.17 24.62 -12.32
CA GLY B 90 1.09 24.49 -13.43
C GLY B 90 0.47 24.78 -14.79
N ILE B 91 -0.40 25.78 -14.86
CA ILE B 91 -1.08 26.16 -16.10
C ILE B 91 -0.85 27.65 -16.33
N ASP B 92 -0.24 27.97 -17.47
CA ASP B 92 -0.02 29.35 -17.88
C ASP B 92 -1.32 29.89 -18.45
N LEU B 93 -1.98 30.77 -17.70
CA LEU B 93 -3.29 31.30 -18.09
C LEU B 93 -3.25 32.07 -19.40
N ASP B 94 -2.07 32.39 -19.93
CA ASP B 94 -1.97 33.14 -21.17
C ASP B 94 -1.77 32.26 -22.39
N ASP B 95 -1.23 31.05 -22.23
CA ASP B 95 -1.10 30.15 -23.35
C ASP B 95 -2.48 29.70 -23.83
N VAL B 96 -2.51 29.19 -25.05
CA VAL B 96 -3.75 28.65 -25.62
C VAL B 96 -4.08 27.38 -24.87
N PRO B 97 -5.35 26.99 -24.78
CA PRO B 97 -5.71 25.80 -23.99
C PRO B 97 -5.04 24.52 -24.45
N SER B 98 -4.70 24.40 -25.73
CA SER B 98 -4.07 23.19 -26.23
C SER B 98 -2.57 23.12 -25.93
N ALA B 99 -1.98 24.19 -25.42
CA ALA B 99 -0.55 24.20 -25.13
C ALA B 99 -0.23 23.19 -24.04
N VAL B 100 0.84 22.42 -24.25
CA VAL B 100 1.29 21.45 -23.26
C VAL B 100 1.72 22.19 -22.00
N SER B 101 0.88 22.14 -20.97
CA SER B 101 1.15 22.88 -19.75
C SER B 101 2.29 22.24 -18.97
N LYS B 102 2.86 23.02 -18.06
CA LYS B 102 3.83 22.47 -17.11
C LYS B 102 3.21 21.35 -16.28
N LEU B 103 1.91 21.46 -16.00
CA LEU B 103 1.21 20.39 -15.29
C LEU B 103 1.24 19.09 -16.08
N GLU B 104 1.00 19.16 -17.39
CA GLU B 104 1.02 17.96 -18.22
C GLU B 104 2.43 17.42 -18.39
N LYS B 105 3.42 18.31 -18.50
CA LYS B 105 4.80 17.84 -18.61
C LYS B 105 5.27 17.19 -17.32
N ASN B 106 4.80 17.70 -16.17
CA ASN B 106 5.15 17.09 -14.90
C ASN B 106 4.49 15.73 -14.74
N CYS B 107 3.24 15.59 -15.19
CA CYS B 107 2.55 14.31 -15.09
C CYS B 107 3.13 13.28 -16.05
N ASN B 108 3.44 13.69 -17.29
CA ASN B 108 4.08 12.76 -18.23
C ASN B 108 5.40 12.23 -17.68
N ALA B 109 6.18 13.11 -17.05
CA ALA B 109 7.45 12.68 -16.47
C ALA B 109 7.21 11.76 -15.29
N TYR B 110 6.21 12.05 -14.46
CA TYR B 110 5.85 11.14 -13.37
C TYR B 110 5.48 9.77 -13.91
N ALA B 111 4.63 9.74 -14.94
CA ALA B 111 4.20 8.47 -15.53
C ALA B 111 5.36 7.64 -16.06
N GLU B 112 6.49 8.28 -16.38
CA GLU B 112 7.62 7.56 -16.94
C GLU B 112 8.35 6.77 -15.87
N VAL B 113 8.49 7.33 -14.67
CA VAL B 113 9.02 6.60 -13.53
C VAL B 113 7.94 5.87 -12.76
N ASN B 114 6.69 6.22 -12.99
CA ASN B 114 5.57 5.53 -12.36
C ASN B 114 5.65 4.05 -12.64
N ASN B 115 5.49 3.24 -11.59
CA ASN B 115 5.73 1.81 -11.69
C ASN B 115 4.62 1.08 -12.44
N ILE B 116 4.34 1.54 -13.66
CA ILE B 116 3.52 0.89 -14.69
C ILE B 116 2.28 0.16 -14.19
N ILE B 117 2.08 -1.07 -14.68
CA ILE B 117 0.88 -1.90 -14.50
C ILE B 117 -0.44 -1.19 -14.76
N ASP B 118 -1.56 -1.84 -14.43
CA ASP B 118 -2.88 -1.41 -14.87
C ASP B 118 -3.70 -0.72 -13.79
N ILE B 119 -3.31 -0.78 -12.53
CA ILE B 119 -4.04 -0.12 -11.46
C ILE B 119 -3.29 1.15 -11.05
N GLN B 120 -4.03 2.20 -10.76
CA GLN B 120 -3.45 3.46 -10.33
C GLN B 120 -4.13 3.91 -9.04
N LYS B 121 -3.36 4.56 -8.19
CA LYS B 121 -3.87 5.19 -6.98
C LYS B 121 -4.14 6.66 -7.25
N LEU B 122 -5.23 7.18 -6.70
CA LEU B 122 -5.59 8.58 -6.84
C LEU B 122 -5.71 9.20 -5.46
N ASP B 123 -4.98 10.29 -5.24
CA ASP B 123 -4.97 11.01 -3.98
C ASP B 123 -5.81 12.28 -4.13
N ILE B 124 -6.91 12.35 -3.37
CA ILE B 124 -7.81 13.50 -3.41
C ILE B 124 -7.52 14.53 -2.32
N GLY B 125 -6.43 14.34 -1.55
CA GLY B 125 -6.14 15.27 -0.49
C GLY B 125 -7.09 15.18 0.68
N GLU B 126 -7.87 16.23 0.93
CA GLU B 126 -8.83 16.24 2.01
C GLU B 126 -10.22 16.44 1.44
N CYS B 127 -11.13 15.54 1.80
CA CYS B 127 -12.52 15.54 1.37
C CYS B 127 -13.33 15.62 2.67
N SER B 128 -13.59 16.84 3.14
CA SER B 128 -14.26 17.04 4.42
C SER B 128 -15.32 18.12 4.30
N ALA B 129 -16.45 17.91 4.97
CA ALA B 129 -17.57 18.83 4.99
C ALA B 129 -18.16 18.85 6.39
N PRO B 130 -18.72 19.98 6.81
CA PRO B 130 -19.28 20.09 8.17
C PRO B 130 -20.47 19.17 8.34
N PRO B 131 -20.85 18.87 9.58
CA PRO B 131 -22.00 17.98 9.81
C PRO B 131 -23.26 18.52 9.16
N GLY B 132 -24.09 17.62 8.66
CA GLY B 132 -25.25 17.99 7.87
C GLY B 132 -24.95 18.34 6.43
N GLN B 133 -23.68 18.42 6.04
CA GLN B 133 -23.28 18.70 4.68
C GLN B 133 -22.33 17.63 4.18
N HIS B 134 -22.18 17.55 2.85
CA HIS B 134 -21.30 16.58 2.23
C HIS B 134 -20.56 17.25 1.08
N MET B 135 -19.28 16.91 0.92
CA MET B 135 -18.48 17.38 -0.19
C MET B 135 -18.52 16.34 -1.31
N LEU B 136 -19.06 16.73 -2.45
CA LEU B 136 -19.17 15.83 -3.59
C LEU B 136 -17.91 15.96 -4.44
N LEU B 137 -17.23 14.83 -4.66
CA LEU B 137 -16.00 14.77 -5.45
C LEU B 137 -16.20 13.76 -6.57
N GLN B 138 -16.59 14.24 -7.75
CA GLN B 138 -16.71 13.39 -8.92
C GLN B 138 -15.33 13.20 -9.54
N ILE B 139 -14.85 11.96 -9.53
CA ILE B 139 -13.55 11.61 -10.08
C ILE B 139 -13.78 10.63 -11.24
N VAL B 140 -13.11 10.89 -12.36
CA VAL B 140 -13.29 10.12 -13.58
C VAL B 140 -11.94 9.61 -14.07
N ASN B 141 -11.84 8.31 -14.30
CA ASN B 141 -10.64 7.72 -14.88
C ASN B 141 -10.70 7.85 -16.40
N THR B 142 -9.75 8.59 -16.97
CA THR B 142 -9.68 8.78 -18.41
C THR B 142 -8.85 7.73 -19.12
N GLY B 143 -8.44 6.66 -18.43
CA GLY B 143 -7.66 5.61 -19.03
C GLY B 143 -6.20 5.91 -19.23
N SER B 144 -5.73 7.07 -18.80
CA SER B 144 -4.33 7.47 -18.92
C SER B 144 -3.80 7.81 -17.55
N ALA B 145 -2.61 7.28 -17.22
CA ALA B 145 -2.02 7.58 -15.92
C ALA B 145 -1.62 9.04 -15.83
N GLU B 146 -1.13 9.62 -16.93
CA GLU B 146 -0.73 11.03 -16.91
C GLU B 146 -1.93 11.94 -16.79
N ALA B 147 -3.05 11.60 -17.42
CA ALA B 147 -4.25 12.43 -17.30
C ALA B 147 -4.90 12.29 -15.92
N ASN B 148 -4.82 11.10 -15.30
CA ASN B 148 -5.31 10.98 -13.94
C ASN B 148 -4.46 11.78 -12.97
N CYS B 149 -3.15 11.86 -13.23
CA CYS B 149 -2.30 12.76 -12.46
C CYS B 149 -2.75 14.21 -12.62
N GLY B 150 -3.18 14.59 -13.83
CA GLY B 150 -3.66 15.94 -14.03
C GLY B 150 -4.92 16.24 -13.24
N LEU B 151 -5.90 15.33 -13.29
CA LEU B 151 -7.12 15.52 -12.51
C LEU B 151 -6.82 15.51 -11.02
N GLN B 152 -5.94 14.61 -10.58
CA GLN B 152 -5.59 14.54 -9.16
C GLN B 152 -4.99 15.86 -8.67
N THR B 153 -4.07 16.42 -9.45
CA THR B 153 -3.49 17.71 -9.10
C THR B 153 -4.57 18.77 -8.98
N ILE B 154 -5.50 18.81 -9.94
CA ILE B 154 -6.57 19.79 -9.92
C ILE B 154 -7.51 19.55 -8.74
N VAL B 155 -7.81 18.28 -8.44
CA VAL B 155 -8.66 17.97 -7.30
C VAL B 155 -8.09 18.59 -6.03
N LYS B 156 -6.83 18.28 -5.73
CA LYS B 156 -6.25 18.65 -4.43
C LYS B 156 -6.17 20.16 -4.23
N SER B 157 -6.14 20.95 -5.30
CA SER B 157 -6.14 22.40 -5.17
C SER B 157 -7.56 22.96 -5.13
N LEU B 158 -8.35 22.69 -6.16
CA LEU B 158 -9.71 23.22 -6.22
C LEU B 158 -10.59 22.74 -5.07
N ASN B 159 -10.16 21.70 -4.34
CA ASN B 159 -10.90 21.23 -3.18
C ASN B 159 -10.97 22.31 -2.10
N LYS B 160 -9.88 23.06 -1.92
CA LYS B 160 -9.78 24.01 -0.82
C LYS B 160 -10.57 25.29 -1.08
N ILE B 161 -10.97 25.56 -2.32
CA ILE B 161 -11.65 26.80 -2.67
C ILE B 161 -13.15 26.56 -2.56
N TYR B 162 -13.76 27.01 -1.48
CA TYR B 162 -15.17 26.76 -1.21
C TYR B 162 -16.03 27.83 -1.87
N VAL B 163 -17.16 27.42 -2.42
CA VAL B 163 -18.10 28.28 -3.11
C VAL B 163 -19.33 28.44 -2.22
N PRO B 164 -19.68 29.66 -1.80
CA PRO B 164 -20.85 29.83 -0.95
C PRO B 164 -22.12 29.50 -1.71
N PRO B 165 -23.14 28.96 -1.04
CA PRO B 165 -24.39 28.52 -1.67
C PRO B 165 -25.33 29.68 -2.00
N THR C 4 26.37 -19.79 0.62
CA THR C 4 25.78 -19.35 -0.63
C THR C 4 26.69 -18.38 -1.37
N LYS C 5 26.91 -18.65 -2.65
CA LYS C 5 27.78 -17.85 -3.49
C LYS C 5 27.03 -16.63 -4.03
N GLU C 6 27.65 -15.47 -3.95
CA GLU C 6 26.99 -14.23 -4.37
C GLU C 6 26.72 -14.24 -5.87
N PHE C 7 25.48 -13.93 -6.24
CA PHE C 7 25.08 -13.80 -7.64
C PHE C 7 25.19 -12.32 -7.98
N LYS C 8 26.34 -11.93 -8.53
CA LYS C 8 26.65 -10.52 -8.73
C LYS C 8 26.05 -10.02 -10.03
N THR C 9 25.59 -8.77 -10.01
CA THR C 9 25.07 -8.08 -11.18
C THR C 9 25.81 -6.78 -11.37
N LEU C 10 25.45 -6.07 -12.44
CA LEU C 10 26.03 -4.76 -12.69
C LEU C 10 25.65 -3.76 -11.61
N TYR C 11 24.52 -3.99 -10.92
CA TYR C 11 24.14 -3.12 -9.83
C TYR C 11 25.12 -3.21 -8.66
N ASN C 12 25.70 -4.39 -8.43
CA ASN C 12 26.71 -4.54 -7.39
C ASN C 12 27.87 -3.59 -7.61
N LEU C 13 28.33 -3.48 -8.85
CA LEU C 13 29.44 -2.58 -9.16
C LEU C 13 29.00 -1.12 -9.03
N PHE C 14 27.77 -0.80 -9.44
CA PHE C 14 27.28 0.56 -9.27
C PHE C 14 27.24 0.95 -7.79
N ILE C 15 26.65 0.10 -6.95
CA ILE C 15 26.42 0.48 -5.57
C ILE C 15 27.73 0.50 -4.78
N ASP C 16 28.69 -0.35 -5.14
CA ASP C 16 30.02 -0.27 -4.53
C ASP C 16 30.65 1.10 -4.78
N SER C 17 30.57 1.58 -6.03
CA SER C 17 31.12 2.89 -6.36
C SER C 17 30.33 4.00 -5.67
N TYR C 18 29.00 3.93 -5.73
CA TYR C 18 28.17 4.99 -5.16
C TYR C 18 28.35 5.08 -3.65
N LEU C 19 28.42 3.94 -2.96
CA LEU C 19 28.65 3.98 -1.52
C LEU C 19 30.01 4.55 -1.18
N GLN C 20 31.01 4.35 -2.05
CA GLN C 20 32.31 4.97 -1.83
C GLN C 20 32.23 6.48 -1.94
N LYS C 21 31.40 6.98 -2.87
CA LYS C 21 31.27 8.43 -3.05
C LYS C 21 30.43 9.06 -1.94
N LEU C 22 29.39 8.36 -1.47
CA LEU C 22 28.57 8.90 -0.40
C LEU C 22 29.38 9.12 0.87
N ALA C 23 30.28 8.19 1.19
CA ALA C 23 31.14 8.35 2.36
C ALA C 23 32.17 9.45 2.17
N GLN C 24 32.49 9.80 0.92
CA GLN C 24 33.40 10.91 0.65
C GLN C 24 32.76 12.26 0.89
N HIS C 25 31.46 12.32 1.15
CA HIS C 25 30.79 13.57 1.46
C HIS C 25 30.21 13.52 2.87
N SER C 26 31.02 13.11 3.84
CA SER C 26 30.64 13.20 5.24
C SER C 26 30.54 14.64 5.72
N ILE C 27 31.04 15.59 4.93
CA ILE C 27 31.29 16.94 5.40
C ILE C 27 30.05 17.58 6.02
N PRO C 28 28.88 17.35 5.42
CA PRO C 28 27.73 18.19 5.72
C PRO C 28 26.85 17.66 6.86
N THR C 29 26.40 16.41 6.78
CA THR C 29 25.39 15.97 7.72
C THR C 29 25.27 14.51 8.13
N ASN C 30 24.63 13.71 7.27
CA ASN C 30 24.33 12.29 7.48
C ASN C 30 23.07 12.00 8.29
N VAL C 31 22.87 12.67 9.42
CA VAL C 31 21.71 12.43 10.29
C VAL C 31 20.58 13.42 10.05
N THR C 32 20.43 13.89 8.80
CA THR C 32 19.42 14.88 8.44
C THR C 32 18.28 14.27 7.62
N CYS C 33 18.02 12.98 7.80
CA CYS C 33 17.08 12.26 6.95
C CYS C 33 15.68 12.83 7.04
N ALA C 34 15.23 13.50 5.97
CA ALA C 34 13.85 13.94 5.89
C ALA C 34 12.91 12.81 5.50
N ILE C 35 13.44 11.72 4.93
CA ILE C 35 12.63 10.60 4.49
C ILE C 35 13.33 9.31 4.91
N HIS C 36 12.54 8.27 5.14
CA HIS C 36 13.07 6.96 5.47
C HIS C 36 12.35 5.90 4.63
N ILE C 37 13.11 4.89 4.19
CA ILE C 37 12.54 3.78 3.44
C ILE C 37 11.93 2.80 4.43
N GLY C 38 10.61 2.67 4.41
CA GLY C 38 9.95 1.81 5.36
C GLY C 38 9.24 0.65 4.71
N GLU C 39 9.39 0.50 3.40
CA GLU C 39 8.70 -0.57 2.68
C GLU C 39 9.48 -0.90 1.42
N VAL C 40 9.68 -2.20 1.18
CA VAL C 40 10.41 -2.68 0.02
C VAL C 40 9.57 -3.78 -0.64
N ILE C 41 9.22 -3.58 -1.91
CA ILE C 41 8.40 -4.53 -2.65
C ILE C 41 9.22 -5.12 -3.79
N GLY C 42 8.80 -6.30 -4.23
CA GLY C 42 9.46 -6.98 -5.32
C GLY C 42 9.19 -8.46 -5.27
N GLN C 43 9.87 -9.19 -6.16
CA GLN C 43 9.83 -10.64 -6.21
C GLN C 43 11.13 -11.17 -5.61
N PHE C 44 11.02 -11.98 -4.56
CA PHE C 44 12.17 -12.42 -3.79
C PHE C 44 12.33 -13.93 -3.93
N LYS C 45 13.46 -14.37 -4.46
CA LYS C 45 13.81 -15.78 -4.46
C LYS C 45 14.84 -16.02 -3.37
N ASN C 46 16.12 -15.97 -3.73
CA ASN C 46 17.21 -16.03 -2.77
C ASN C 46 17.88 -14.67 -2.69
N CYS C 47 17.16 -13.72 -2.11
CA CYS C 47 17.56 -12.32 -2.10
C CYS C 47 18.26 -11.97 -0.79
N ALA C 48 19.28 -11.13 -0.87
CA ALA C 48 19.98 -10.58 0.28
C ALA C 48 19.93 -9.07 0.19
N LEU C 49 19.10 -8.46 1.03
CA LEU C 49 18.90 -7.02 1.03
C LEU C 49 19.74 -6.39 2.14
N ARG C 50 20.51 -5.37 1.80
CA ARG C 50 21.28 -4.59 2.77
C ARG C 50 20.75 -3.16 2.72
N ILE C 51 20.06 -2.74 3.77
CA ILE C 51 19.40 -1.45 3.83
C ILE C 51 20.11 -0.57 4.85
N THR C 52 20.53 0.61 4.41
CA THR C 52 21.24 1.57 5.26
C THR C 52 20.72 2.96 4.96
N ASN C 53 21.10 3.91 5.81
CA ASN C 53 20.76 5.31 5.64
C ASN C 53 22.04 6.13 5.55
N LYS C 54 22.13 6.96 4.49
CA LYS C 54 23.29 7.82 4.25
C LYS C 54 22.71 9.12 3.67
N CYS C 55 22.11 9.92 4.54
CA CYS C 55 21.27 11.02 4.08
C CYS C 55 22.11 12.25 3.76
N MET C 56 22.11 12.63 2.48
CA MET C 56 22.83 13.78 1.97
C MET C 56 21.96 15.03 2.12
N SER C 57 22.61 16.18 2.03
CA SER C 57 21.92 17.44 2.31
C SER C 57 20.96 17.81 1.18
N ASN C 58 21.21 17.36 -0.04
CA ASN C 58 20.34 17.71 -1.15
C ASN C 58 20.36 16.59 -2.18
N SER C 59 19.23 16.46 -2.89
CA SER C 59 19.11 15.39 -3.89
C SER C 59 19.98 15.66 -5.12
N ARG C 60 20.22 16.94 -5.44
CA ARG C 60 21.08 17.27 -6.57
C ARG C 60 22.47 16.67 -6.41
N LEU C 61 23.01 16.70 -5.19
CA LEU C 61 24.31 16.08 -4.94
C LEU C 61 24.22 14.57 -5.08
N SER C 62 23.13 13.97 -4.58
CA SER C 62 22.97 12.53 -4.70
C SER C 62 22.88 12.10 -6.15
N PHE C 63 22.08 12.82 -6.95
CA PHE C 63 21.94 12.46 -8.36
C PHE C 63 23.27 12.61 -9.10
N THR C 64 24.03 13.66 -8.79
CA THR C 64 25.34 13.85 -9.45
C THR C 64 26.26 12.67 -9.19
N LEU C 65 26.28 12.18 -7.95
CA LEU C 65 27.10 11.01 -7.62
C LEU C 65 26.53 9.73 -8.24
N MET C 66 25.20 9.56 -8.18
CA MET C 66 24.58 8.41 -8.85
C MET C 66 24.94 8.37 -10.33
N VAL C 67 24.96 9.53 -10.99
CA VAL C 67 25.29 9.56 -12.41
C VAL C 67 26.77 9.23 -12.64
N GLU C 68 27.65 9.74 -11.78
CA GLU C 68 29.07 9.38 -11.86
C GLU C 68 29.25 7.86 -11.80
N SER C 69 28.65 7.23 -10.76
CA SER C 69 28.80 5.79 -10.59
C SER C 69 28.16 5.03 -11.75
N PHE C 70 26.98 5.46 -12.20
CA PHE C 70 26.33 4.82 -13.33
C PHE C 70 27.21 4.88 -14.57
N ILE C 71 27.70 6.09 -14.89
CA ILE C 71 28.58 6.27 -16.04
C ILE C 71 29.81 5.38 -15.92
N GLU C 72 30.41 5.34 -14.73
CA GLU C 72 31.62 4.55 -14.50
C GLU C 72 31.37 3.07 -14.79
N VAL C 73 30.32 2.51 -14.21
CA VAL C 73 30.07 1.08 -14.31
C VAL C 73 29.55 0.68 -15.68
N ILE C 74 28.88 1.61 -16.38
CA ILE C 74 28.27 1.27 -17.66
C ILE C 74 29.29 1.16 -18.79
N SER C 75 30.50 1.67 -18.59
CA SER C 75 31.52 1.56 -19.63
C SER C 75 32.10 0.16 -19.74
N LEU C 76 31.57 -0.82 -19.01
CA LEU C 76 32.00 -2.21 -19.14
C LEU C 76 31.20 -2.98 -20.18
N LEU C 77 30.20 -2.37 -20.77
CA LEU C 77 29.32 -2.98 -21.75
C LEU C 77 29.69 -2.50 -23.14
N PRO C 78 29.25 -3.21 -24.18
CA PRO C 78 29.40 -2.68 -25.54
C PRO C 78 28.76 -1.31 -25.67
N GLU C 79 29.28 -0.50 -26.60
N GLU C 79 29.28 -0.53 -26.61
CA GLU C 79 28.78 0.86 -26.77
CA GLU C 79 28.79 0.84 -26.82
C GLU C 79 27.29 0.88 -27.11
C GLU C 79 27.30 0.87 -27.10
N LYS C 80 26.80 -0.11 -27.86
CA LYS C 80 25.39 -0.15 -28.20
C LYS C 80 24.54 -0.46 -26.97
N ASP C 81 24.99 -1.41 -26.14
CA ASP C 81 24.31 -1.65 -24.87
C ASP C 81 24.43 -0.46 -23.94
N ARG C 82 25.53 0.30 -24.05
CA ARG C 82 25.72 1.47 -23.21
C ARG C 82 24.63 2.50 -23.46
N ARG C 83 24.40 2.86 -24.73
CA ARG C 83 23.44 3.91 -25.06
C ARG C 83 22.01 3.47 -24.76
N ALA C 84 21.68 2.21 -25.06
CA ALA C 84 20.30 1.76 -24.89
C ALA C 84 19.89 1.79 -23.42
N ILE C 85 20.75 1.31 -22.53
CA ILE C 85 20.39 1.24 -21.12
C ILE C 85 20.32 2.63 -20.50
N ALA C 86 21.21 3.54 -20.94
CA ALA C 86 21.17 4.90 -20.42
C ALA C 86 19.93 5.65 -20.89
N GLU C 87 19.50 5.39 -22.12
CA GLU C 87 18.34 6.09 -22.68
C GLU C 87 17.06 5.67 -21.97
N GLU C 88 16.97 4.42 -21.52
CA GLU C 88 15.76 3.98 -20.83
C GLU C 88 15.72 4.50 -19.39
N ILE C 89 16.87 4.50 -18.71
CA ILE C 89 16.92 5.01 -17.35
C ILE C 89 16.65 6.51 -17.33
N GLY C 90 17.20 7.23 -18.30
CA GLY C 90 16.97 8.66 -18.41
C GLY C 90 18.23 9.49 -18.27
N ILE C 91 19.36 8.94 -18.70
CA ILE C 91 20.66 9.58 -18.58
C ILE C 91 21.25 9.74 -19.98
N ASP C 92 21.61 10.96 -20.34
CA ASP C 92 22.27 11.25 -21.61
C ASP C 92 23.78 11.20 -21.38
N LEU C 93 24.44 10.23 -22.01
CA LEU C 93 25.88 10.08 -21.85
C LEU C 93 26.66 11.27 -22.37
N ASP C 94 26.04 12.15 -23.17
CA ASP C 94 26.69 13.39 -23.60
C ASP C 94 26.73 14.45 -22.50
N ASP C 95 26.06 14.24 -21.38
CA ASP C 95 26.03 15.20 -20.29
C ASP C 95 27.18 14.94 -19.32
N VAL C 96 27.55 15.98 -18.58
CA VAL C 96 28.45 15.84 -17.45
C VAL C 96 27.61 15.37 -16.27
N PRO C 97 28.18 14.65 -15.29
CA PRO C 97 27.36 14.02 -14.25
C PRO C 97 26.54 15.00 -13.40
N SER C 98 26.97 16.25 -13.26
CA SER C 98 26.20 17.22 -12.48
C SER C 98 24.98 17.74 -13.22
N ALA C 99 24.90 17.55 -14.53
CA ALA C 99 23.72 17.98 -15.27
C ALA C 99 22.50 17.22 -14.80
N VAL C 100 21.36 17.91 -14.80
CA VAL C 100 20.10 17.29 -14.40
C VAL C 100 19.62 16.35 -15.49
N SER C 101 19.59 15.07 -15.19
CA SER C 101 19.17 14.07 -16.16
C SER C 101 17.65 14.02 -16.24
N LYS C 102 17.16 13.40 -17.32
CA LYS C 102 15.72 13.12 -17.42
C LYS C 102 15.27 12.20 -16.29
N LEU C 103 16.14 11.31 -15.84
CA LEU C 103 15.87 10.49 -14.66
C LEU C 103 15.49 11.36 -13.47
N GLU C 104 16.31 12.38 -13.20
CA GLU C 104 16.06 13.25 -12.05
C GLU C 104 14.76 14.02 -12.21
N LYS C 105 14.47 14.52 -13.41
CA LYS C 105 13.23 15.25 -13.64
C LYS C 105 12.01 14.34 -13.48
N ASN C 106 12.12 13.10 -13.96
CA ASN C 106 11.03 12.14 -13.76
C ASN C 106 10.81 11.87 -12.28
N CYS C 107 11.90 11.73 -11.53
CA CYS C 107 11.77 11.48 -10.09
C CYS C 107 11.31 12.71 -9.34
N ASN C 108 11.79 13.90 -9.73
CA ASN C 108 11.31 15.13 -9.10
C ASN C 108 9.80 15.27 -9.24
N ALA C 109 9.27 14.91 -10.40
CA ALA C 109 7.82 14.91 -10.59
C ALA C 109 7.18 13.76 -9.83
N TYR C 110 7.87 12.62 -9.78
CA TYR C 110 7.34 11.44 -9.10
C TYR C 110 7.11 11.70 -7.61
N ALA C 111 8.12 12.25 -6.94
CA ALA C 111 8.00 12.53 -5.52
C ALA C 111 6.90 13.55 -5.24
N GLU C 112 6.73 14.51 -6.14
CA GLU C 112 5.73 15.54 -5.95
C GLU C 112 4.32 14.98 -6.14
N VAL C 113 4.10 14.25 -7.24
CA VAL C 113 2.78 13.70 -7.53
C VAL C 113 2.37 12.71 -6.46
N ASN C 114 3.27 11.81 -6.08
CA ASN C 114 2.97 10.80 -5.07
C ASN C 114 2.95 11.36 -3.65
N ASN C 115 3.47 12.58 -3.44
CA ASN C 115 3.47 13.21 -2.12
C ASN C 115 4.26 12.38 -1.12
N ILE C 116 5.49 12.00 -1.49
CA ILE C 116 6.36 11.21 -0.65
C ILE C 116 6.97 12.13 0.40
N ILE C 117 6.54 11.98 1.66
CA ILE C 117 6.76 13.00 2.67
C ILE C 117 7.60 12.50 3.84
N ASP C 118 7.35 11.27 4.32
CA ASP C 118 8.05 10.80 5.50
C ASP C 118 8.62 9.39 5.33
N ILE C 119 7.76 8.44 4.98
CA ILE C 119 8.14 7.04 4.81
C ILE C 119 7.98 6.70 3.34
N GLN C 120 9.03 6.16 2.73
CA GLN C 120 9.04 5.86 1.31
C GLN C 120 9.04 4.35 1.09
N LYS C 121 8.33 3.92 0.05
CA LYS C 121 8.26 2.52 -0.36
C LYS C 121 9.11 2.35 -1.61
N LEU C 122 10.10 1.46 -1.55
CA LEU C 122 11.00 1.22 -2.68
C LEU C 122 10.63 -0.09 -3.36
N ASP C 123 10.59 -0.07 -4.69
CA ASP C 123 10.33 -1.25 -5.52
C ASP C 123 11.64 -1.65 -6.18
N ILE C 124 12.17 -2.81 -5.81
CA ILE C 124 13.45 -3.28 -6.34
C ILE C 124 13.30 -4.26 -7.50
N GLY C 125 12.07 -4.53 -7.94
CA GLY C 125 11.88 -5.41 -9.07
C GLY C 125 12.06 -6.86 -8.69
N GLU C 126 12.86 -7.57 -9.49
CA GLU C 126 13.06 -9.00 -9.32
C GLU C 126 14.44 -9.23 -8.72
N CYS C 127 14.48 -9.70 -7.48
CA CYS C 127 15.72 -10.06 -6.80
C CYS C 127 15.72 -11.58 -6.68
N SER C 128 16.37 -12.25 -7.62
CA SER C 128 16.38 -13.70 -7.69
C SER C 128 17.81 -14.18 -7.92
N ALA C 129 18.03 -15.47 -7.61
CA ALA C 129 19.33 -16.09 -7.78
C ALA C 129 19.14 -17.60 -7.86
N PRO C 130 19.97 -18.30 -8.61
CA PRO C 130 19.87 -19.77 -8.69
C PRO C 130 20.12 -20.40 -7.34
N PRO C 131 19.78 -21.69 -7.17
CA PRO C 131 19.95 -22.33 -5.85
C PRO C 131 21.41 -22.41 -5.46
N GLY C 132 21.65 -22.31 -4.15
CA GLY C 132 22.99 -22.20 -3.64
C GLY C 132 23.63 -20.84 -3.81
N GLN C 133 22.93 -19.89 -4.43
CA GLN C 133 23.42 -18.55 -4.66
C GLN C 133 22.48 -17.54 -4.03
N HIS C 134 22.88 -16.27 -4.10
CA HIS C 134 22.06 -15.19 -3.56
C HIS C 134 22.43 -13.90 -4.26
N MET C 135 21.43 -13.09 -4.56
CA MET C 135 21.64 -11.77 -5.14
C MET C 135 21.74 -10.75 -3.99
N LEU C 136 22.91 -10.13 -3.86
CA LEU C 136 23.10 -9.07 -2.89
C LEU C 136 22.61 -7.75 -3.49
N LEU C 137 21.66 -7.11 -2.80
CA LEU C 137 21.06 -5.87 -3.28
C LEU C 137 21.17 -4.85 -2.15
N GLN C 138 22.16 -3.97 -2.24
CA GLN C 138 22.37 -2.95 -1.23
C GLN C 138 21.54 -1.71 -1.58
N ILE C 139 20.61 -1.36 -0.70
CA ILE C 139 19.75 -0.20 -0.86
C ILE C 139 20.16 0.84 0.18
N VAL C 140 20.46 2.05 -0.28
CA VAL C 140 20.86 3.14 0.60
C VAL C 140 19.82 4.24 0.52
N ASN C 141 19.35 4.69 1.68
CA ASN C 141 18.47 5.84 1.77
C ASN C 141 19.33 7.09 1.89
N THR C 142 19.19 8.01 0.93
CA THR C 142 19.98 9.23 0.91
C THR C 142 19.21 10.43 1.45
N GLY C 143 18.03 10.23 2.01
CA GLY C 143 17.30 11.28 2.68
C GLY C 143 16.27 11.99 1.85
N SER C 144 16.25 11.78 0.53
CA SER C 144 15.30 12.45 -0.34
C SER C 144 14.48 11.43 -1.12
N ALA C 145 13.18 11.72 -1.26
CA ALA C 145 12.32 10.85 -2.07
C ALA C 145 12.75 10.87 -3.53
N GLU C 146 13.27 11.99 -4.00
CA GLU C 146 13.70 12.10 -5.38
C GLU C 146 14.88 11.19 -5.67
N ALA C 147 15.92 11.27 -4.83
CA ALA C 147 17.10 10.44 -5.07
C ALA C 147 16.84 8.97 -4.82
N ASN C 148 15.97 8.65 -3.84
CA ASN C 148 15.58 7.26 -3.65
C ASN C 148 14.85 6.72 -4.87
N CYS C 149 14.01 7.55 -5.49
CA CYS C 149 13.39 7.18 -6.75
C CYS C 149 14.44 6.91 -7.82
N GLY C 150 15.50 7.72 -7.84
CA GLY C 150 16.56 7.51 -8.81
C GLY C 150 17.29 6.19 -8.60
N LEU C 151 17.61 5.86 -7.35
CA LEU C 151 18.25 4.58 -7.09
C LEU C 151 17.33 3.42 -7.44
N GLN C 152 16.04 3.56 -7.15
CA GLN C 152 15.07 2.51 -7.47
C GLN C 152 15.05 2.22 -8.97
N THR C 153 15.07 3.26 -9.79
CA THR C 153 15.10 3.06 -11.23
C THR C 153 16.40 2.39 -11.66
N ILE C 154 17.51 2.76 -11.01
CA ILE C 154 18.81 2.19 -11.37
C ILE C 154 18.91 0.74 -10.91
N VAL C 155 18.37 0.44 -9.72
CA VAL C 155 18.33 -0.95 -9.24
C VAL C 155 17.66 -1.83 -10.27
N LYS C 156 16.43 -1.46 -10.66
CA LYS C 156 15.59 -2.33 -11.47
C LYS C 156 16.15 -2.54 -12.88
N SER C 157 17.03 -1.66 -13.34
CA SER C 157 17.65 -1.84 -14.65
C SER C 157 18.99 -2.57 -14.54
N LEU C 158 19.85 -2.16 -13.60
CA LEU C 158 21.17 -2.75 -13.50
C LEU C 158 21.14 -4.14 -12.89
N ASN C 159 20.16 -4.43 -12.01
CA ASN C 159 20.13 -5.74 -11.38
C ASN C 159 19.73 -6.85 -12.33
N LYS C 160 19.34 -6.52 -13.55
CA LYS C 160 18.97 -7.48 -14.57
C LYS C 160 20.14 -7.87 -15.48
N ILE C 161 21.27 -7.19 -15.36
CA ILE C 161 22.43 -7.45 -16.21
C ILE C 161 23.44 -8.24 -15.41
N TYR C 162 23.68 -9.49 -15.80
CA TYR C 162 24.60 -10.35 -15.10
C TYR C 162 26.05 -9.97 -15.41
N VAL C 163 26.91 -10.17 -14.42
CA VAL C 163 28.34 -9.87 -14.53
C VAL C 163 29.10 -11.18 -14.35
N PRO C 164 29.97 -11.56 -15.31
CA PRO C 164 30.75 -12.79 -15.22
C PRO C 164 31.68 -12.82 -14.01
N MET D 1 -29.75 15.01 -7.58
CA MET D 1 -28.73 15.05 -8.63
C MET D 1 -29.38 15.30 -9.99
N ALA D 2 -28.96 14.52 -11.00
CA ALA D 2 -29.42 14.73 -12.36
C ALA D 2 -30.17 13.49 -12.81
N GLU D 3 -29.57 12.63 -13.64
CA GLU D 3 -30.25 11.46 -14.20
C GLU D 3 -29.41 10.21 -13.94
N THR D 4 -29.76 9.47 -12.88
CA THR D 4 -29.15 8.19 -12.56
C THR D 4 -30.09 7.43 -11.66
N LYS D 5 -30.31 6.15 -11.96
CA LYS D 5 -31.20 5.28 -11.18
C LYS D 5 -30.34 4.41 -10.26
N GLU D 6 -30.59 4.49 -8.96
CA GLU D 6 -29.72 3.83 -7.99
C GLU D 6 -29.80 2.31 -8.13
N PHE D 7 -28.63 1.68 -8.08
CA PHE D 7 -28.53 0.21 -8.18
C PHE D 7 -28.48 -0.33 -6.76
N LYS D 8 -29.62 -0.80 -6.27
CA LYS D 8 -29.77 -1.17 -4.87
C LYS D 8 -29.27 -2.59 -4.64
N THR D 9 -28.61 -2.79 -3.49
CA THR D 9 -28.17 -4.12 -3.08
C THR D 9 -28.60 -4.38 -1.64
N LEU D 10 -28.33 -5.60 -1.18
CA LEU D 10 -28.66 -5.96 0.19
C LEU D 10 -27.82 -5.17 1.18
N TYR D 11 -26.62 -4.74 0.78
CA TYR D 11 -25.81 -3.92 1.66
C TYR D 11 -26.45 -2.56 1.92
N ASN D 12 -27.15 -2.01 0.93
CA ASN D 12 -27.87 -0.76 1.13
C ASN D 12 -28.87 -0.89 2.28
N LEU D 13 -29.60 -1.99 2.32
CA LEU D 13 -30.52 -2.23 3.42
C LEU D 13 -29.76 -2.39 4.74
N PHE D 14 -28.65 -3.12 4.70
CA PHE D 14 -27.84 -3.31 5.90
C PHE D 14 -27.37 -1.98 6.47
N ILE D 15 -26.70 -1.17 5.62
CA ILE D 15 -26.08 0.04 6.12
C ILE D 15 -27.12 1.04 6.58
N ASP D 16 -28.28 1.09 5.91
CA ASP D 16 -29.36 1.93 6.39
C ASP D 16 -29.79 1.51 7.79
N SER D 17 -29.75 0.21 8.08
CA SER D 17 -30.04 -0.26 9.42
C SER D 17 -28.92 0.09 10.38
N TYR D 18 -27.68 -0.18 9.99
CA TYR D 18 -26.56 -0.02 10.91
C TYR D 18 -26.34 1.45 11.27
N LEU D 19 -26.43 2.34 10.29
CA LEU D 19 -26.31 3.77 10.58
C LEU D 19 -27.44 4.25 11.48
N GLN D 20 -28.63 3.68 11.33
CA GLN D 20 -29.74 4.05 12.20
C GLN D 20 -29.50 3.58 13.62
N LYS D 21 -28.91 2.38 13.79
CA LYS D 21 -28.56 1.92 15.12
C LYS D 21 -27.41 2.73 15.71
N LEU D 22 -26.39 3.02 14.90
CA LEU D 22 -25.27 3.82 15.37
C LEU D 22 -25.73 5.20 15.81
N ALA D 23 -26.83 5.70 15.25
CA ALA D 23 -27.36 7.00 15.62
C ALA D 23 -27.99 7.00 17.01
N GLN D 24 -28.06 5.86 17.69
CA GLN D 24 -28.68 5.77 19.00
C GLN D 24 -27.76 5.22 20.09
N HIS D 25 -26.46 5.13 19.83
CA HIS D 25 -25.47 4.70 20.81
C HIS D 25 -24.24 5.59 20.71
N SER D 26 -24.46 6.91 20.83
CA SER D 26 -23.42 7.89 20.47
C SER D 26 -22.76 8.47 21.73
N ILE D 27 -21.76 7.75 22.22
CA ILE D 27 -20.73 8.33 23.08
C ILE D 27 -19.54 8.61 22.18
N PRO D 28 -19.54 9.70 21.42
CA PRO D 28 -18.51 9.88 20.39
C PRO D 28 -17.19 10.33 21.00
N THR D 29 -16.11 9.74 20.50
CA THR D 29 -14.78 10.14 20.92
C THR D 29 -14.07 10.82 19.76
N VAL D 31 -15.03 13.59 18.83
CA VAL D 31 -13.85 14.46 18.91
C VAL D 31 -12.82 14.07 17.85
N THR D 32 -11.91 13.14 18.19
CA THR D 32 -10.93 12.64 17.25
C THR D 32 -10.91 11.12 17.35
N CYS D 33 -11.40 10.45 16.30
CA CYS D 33 -11.42 8.99 16.28
C CYS D 33 -10.03 8.42 16.52
N ALA D 34 -9.99 7.24 17.14
CA ALA D 34 -8.71 6.59 17.39
C ALA D 34 -8.09 6.08 16.10
N ILE D 35 -8.91 5.63 15.15
CA ILE D 35 -8.44 5.17 13.86
C ILE D 35 -9.21 5.90 12.78
N HIS D 36 -8.61 5.96 11.59
CA HIS D 36 -9.22 6.66 10.46
C HIS D 36 -9.02 5.85 9.19
N ILE D 37 -10.03 5.88 8.32
CA ILE D 37 -9.92 5.29 6.99
C ILE D 37 -9.28 6.33 6.08
N GLY D 38 -8.07 6.05 5.62
CA GLY D 38 -7.39 6.96 4.71
C GLY D 38 -7.09 6.33 3.37
N GLU D 39 -7.71 5.20 3.07
CA GLU D 39 -7.42 4.48 1.83
C GLU D 39 -8.56 3.53 1.51
N VAL D 40 -9.07 3.61 0.30
CA VAL D 40 -10.13 2.71 -0.19
C VAL D 40 -9.63 2.06 -1.47
N ILE D 41 -9.75 0.74 -1.55
CA ILE D 41 -9.31 0.00 -2.73
C ILE D 41 -10.48 -0.82 -3.26
N GLY D 42 -10.45 -1.11 -4.55
CA GLY D 42 -11.48 -1.91 -5.17
C GLY D 42 -11.58 -1.64 -6.66
N GLN D 43 -12.58 -2.27 -7.27
CA GLN D 43 -12.88 -2.08 -8.68
C GLN D 43 -14.09 -1.14 -8.78
N PHE D 44 -13.88 0.02 -9.40
CA PHE D 44 -14.87 1.09 -9.38
C PHE D 44 -15.41 1.33 -10.79
N LYS D 45 -16.73 1.24 -10.92
CA LYS D 45 -17.42 1.64 -12.15
C LYS D 45 -18.80 2.15 -11.76
N ASN D 46 -19.07 3.42 -12.07
CA ASN D 46 -20.30 4.08 -11.65
C ASN D 46 -20.55 3.86 -10.16
N CYS D 47 -19.51 4.09 -9.37
CA CYS D 47 -19.53 3.83 -7.94
C CYS D 47 -19.68 5.14 -7.18
N ALA D 48 -20.56 5.13 -6.17
CA ALA D 48 -20.77 6.28 -5.31
C ALA D 48 -20.42 5.88 -3.88
N LEU D 49 -19.43 6.56 -3.31
CA LEU D 49 -18.96 6.29 -1.96
C LEU D 49 -19.42 7.41 -1.04
N ARG D 50 -19.89 7.02 0.16
CA ARG D 50 -20.24 7.98 1.21
C ARG D 50 -19.46 7.57 2.45
N ILE D 51 -18.33 8.24 2.69
CA ILE D 51 -17.46 7.90 3.81
C ILE D 51 -17.73 8.87 4.95
N THR D 52 -18.07 8.32 6.13
CA THR D 52 -18.36 9.10 7.32
C THR D 52 -17.67 8.45 8.51
N ASN D 53 -17.77 9.11 9.66
CA ASN D 53 -17.14 8.66 10.90
C ASN D 53 -18.19 8.67 12.01
N LYS D 54 -18.56 7.48 12.50
CA LYS D 54 -19.41 7.31 13.69
C LYS D 54 -18.59 6.47 14.66
N CYS D 55 -17.69 7.12 15.38
CA CYS D 55 -16.67 6.42 16.16
C CYS D 55 -17.21 6.04 17.54
N MET D 56 -17.45 4.75 17.74
CA MET D 56 -17.97 4.20 18.98
C MET D 56 -16.87 4.08 20.02
N SER D 57 -17.29 3.79 21.25
CA SER D 57 -16.33 3.62 22.34
C SER D 57 -15.60 2.29 22.23
N ASN D 58 -16.26 1.25 21.74
CA ASN D 58 -15.64 -0.06 21.67
C ASN D 58 -16.16 -0.82 20.46
N SER D 59 -15.33 -1.74 19.96
CA SER D 59 -15.72 -2.57 18.82
C SER D 59 -16.77 -3.61 19.18
N ARG D 60 -16.83 -4.01 20.46
CA ARG D 60 -17.84 -5.00 20.87
C ARG D 60 -19.24 -4.48 20.60
N LEU D 61 -19.48 -3.20 20.87
CA LEU D 61 -20.77 -2.60 20.56
C LEU D 61 -20.98 -2.48 19.06
N SER D 62 -19.93 -2.11 18.32
CA SER D 62 -20.05 -2.03 16.87
C SER D 62 -20.43 -3.37 16.28
N PHE D 63 -19.77 -4.45 16.71
CA PHE D 63 -20.07 -5.77 16.17
C PHE D 63 -21.48 -6.22 16.55
N THR D 64 -21.93 -5.93 17.78
CA THR D 64 -23.28 -6.29 18.18
C THR D 64 -24.31 -5.59 17.30
N LEU D 65 -24.09 -4.30 17.00
CA LEU D 65 -25.02 -3.57 16.15
C LEU D 65 -24.95 -4.06 14.71
N MET D 66 -23.76 -4.41 14.23
CA MET D 66 -23.63 -4.94 12.87
C MET D 66 -24.35 -6.27 12.71
N VAL D 67 -24.18 -7.18 13.68
CA VAL D 67 -24.88 -8.47 13.62
C VAL D 67 -26.38 -8.28 13.69
N GLU D 68 -26.83 -7.29 14.48
CA GLU D 68 -28.26 -6.98 14.52
C GLU D 68 -28.78 -6.61 13.14
N SER D 69 -28.08 -5.70 12.45
CA SER D 69 -28.52 -5.28 11.12
C SER D 69 -28.41 -6.41 10.12
N PHE D 70 -27.33 -7.20 10.18
CA PHE D 70 -27.18 -8.32 9.27
C PHE D 70 -28.33 -9.30 9.41
N ILE D 71 -28.64 -9.70 10.65
CA ILE D 71 -29.74 -10.63 10.88
C ILE D 71 -31.05 -10.07 10.34
N GLU D 72 -31.31 -8.79 10.63
CA GLU D 72 -32.52 -8.13 10.15
C GLU D 72 -32.66 -8.23 8.63
N VAL D 73 -31.67 -7.74 7.89
CA VAL D 73 -31.79 -7.71 6.43
C VAL D 73 -31.71 -9.11 5.83
N ILE D 74 -31.06 -10.05 6.52
CA ILE D 74 -30.89 -11.38 5.95
C ILE D 74 -32.18 -12.19 5.99
N SER D 75 -33.13 -11.81 6.84
CA SER D 75 -34.41 -12.51 6.94
C SER D 75 -35.32 -12.27 5.73
N LEU D 76 -34.80 -11.59 4.71
CA LEU D 76 -35.52 -11.37 3.47
C LEU D 76 -35.14 -12.33 2.37
N LEU D 77 -34.05 -13.09 2.55
CA LEU D 77 -33.61 -14.10 1.63
C LEU D 77 -34.24 -15.45 1.98
N PRO D 78 -34.27 -16.38 1.04
CA PRO D 78 -34.72 -17.74 1.36
C PRO D 78 -33.85 -18.37 2.43
N GLU D 79 -34.44 -19.33 3.15
CA GLU D 79 -33.78 -19.93 4.32
C GLU D 79 -32.42 -20.49 3.96
N LYS D 80 -32.33 -21.22 2.85
CA LYS D 80 -31.04 -21.80 2.46
C LYS D 80 -30.02 -20.72 2.16
N ASP D 81 -30.47 -19.60 1.57
CA ASP D 81 -29.56 -18.50 1.28
C ASP D 81 -29.10 -17.80 2.55
N ARG D 82 -29.97 -17.73 3.57
CA ARG D 82 -29.59 -17.12 4.84
C ARG D 82 -28.36 -17.78 5.42
N ARG D 83 -28.46 -19.08 5.72
N ARG D 83 -28.46 -19.08 5.72
CA ARG D 83 -27.37 -19.79 6.37
CA ARG D 83 -27.37 -19.82 6.37
C ARG D 83 -26.13 -19.90 5.50
C ARG D 83 -26.13 -19.93 5.49
N ALA D 84 -26.27 -19.72 4.19
CA ALA D 84 -25.12 -19.77 3.30
C ALA D 84 -24.30 -18.48 3.40
N ILE D 85 -24.96 -17.33 3.29
CA ILE D 85 -24.24 -16.06 3.36
C ILE D 85 -23.72 -15.81 4.77
N ALA D 86 -24.48 -16.22 5.78
CA ALA D 86 -24.04 -16.02 7.16
C ALA D 86 -22.77 -16.82 7.46
N GLU D 87 -22.67 -18.03 6.89
CA GLU D 87 -21.47 -18.84 7.12
C GLU D 87 -20.28 -18.33 6.31
N GLU D 88 -20.54 -17.67 5.18
CA GLU D 88 -19.45 -17.10 4.39
C GLU D 88 -18.86 -15.88 5.07
N ILE D 89 -19.70 -15.09 5.76
CA ILE D 89 -19.22 -13.94 6.51
C ILE D 89 -18.59 -14.38 7.83
N GLY D 90 -19.22 -15.34 8.51
CA GLY D 90 -18.70 -15.84 9.78
C GLY D 90 -19.65 -15.60 10.94
N ILE D 91 -20.95 -15.61 10.66
CA ILE D 91 -21.97 -15.33 11.65
C ILE D 91 -22.84 -16.56 11.82
N ASP D 92 -23.08 -16.95 13.08
CA ASP D 92 -23.88 -18.11 13.43
C ASP D 92 -25.28 -17.62 13.75
N LEU D 93 -26.25 -17.98 12.92
CA LEU D 93 -27.62 -17.52 13.10
C LEU D 93 -28.29 -18.07 14.35
N ASP D 94 -27.67 -19.05 15.04
CA ASP D 94 -28.20 -19.50 16.31
C ASP D 94 -27.73 -18.63 17.48
N ASP D 95 -26.70 -17.81 17.27
CA ASP D 95 -26.22 -16.91 18.30
C ASP D 95 -27.13 -15.69 18.42
N VAL D 96 -27.09 -15.06 19.59
CA VAL D 96 -27.70 -13.75 19.78
C VAL D 96 -26.72 -12.71 19.26
N PRO D 97 -27.18 -11.52 18.86
CA PRO D 97 -26.26 -10.57 18.22
C PRO D 97 -25.13 -10.08 19.10
N SER D 98 -25.26 -10.13 20.43
CA SER D 98 -24.17 -9.71 21.29
C SER D 98 -23.06 -10.77 21.38
N ALA D 99 -23.33 -12.00 20.98
CA ALA D 99 -22.31 -13.05 21.01
C ALA D 99 -21.16 -12.70 20.08
N VAL D 100 -19.96 -13.10 20.48
CA VAL D 100 -18.76 -12.77 19.71
C VAL D 100 -18.71 -13.64 18.47
N SER D 101 -18.72 -13.01 17.30
CA SER D 101 -18.76 -13.79 16.09
C SER D 101 -17.38 -14.33 15.71
N LYS D 102 -17.38 -15.32 14.83
CA LYS D 102 -16.15 -15.74 14.16
C LYS D 102 -15.66 -14.65 13.21
N LEU D 103 -16.60 -13.88 12.64
CA LEU D 103 -16.24 -12.65 11.94
C LEU D 103 -15.45 -11.74 12.87
N GLU D 104 -15.96 -11.52 14.09
CA GLU D 104 -15.27 -10.67 15.04
C GLU D 104 -13.93 -11.27 15.45
N LYS D 105 -13.87 -12.59 15.60
CA LYS D 105 -12.60 -13.24 15.96
C LYS D 105 -11.58 -13.13 14.84
N ASN D 106 -12.00 -13.34 13.59
CA ASN D 106 -11.08 -13.17 12.47
C ASN D 106 -10.60 -11.72 12.38
N CYS D 107 -11.52 -10.77 12.53
CA CYS D 107 -11.12 -9.36 12.45
C CYS D 107 -10.29 -8.93 13.64
N ASN D 108 -10.56 -9.49 14.83
CA ASN D 108 -9.74 -9.20 16.00
C ASN D 108 -8.28 -9.61 15.75
N ALA D 109 -8.06 -10.77 15.12
CA ALA D 109 -6.71 -11.20 14.80
C ALA D 109 -6.15 -10.41 13.62
N TYR D 110 -6.99 -10.09 12.64
CA TYR D 110 -6.57 -9.32 11.48
C TYR D 110 -6.00 -7.96 11.90
N ALA D 111 -6.66 -7.31 12.86
CA ALA D 111 -6.17 -6.01 13.34
C ALA D 111 -4.84 -6.16 14.08
N GLU D 112 -4.68 -7.23 14.84
CA GLU D 112 -3.45 -7.43 15.59
C GLU D 112 -2.30 -7.78 14.67
N VAL D 113 -2.50 -8.76 13.78
CA VAL D 113 -1.43 -9.21 12.91
C VAL D 113 -0.97 -8.09 11.97
N ASN D 114 -1.93 -7.31 11.45
CA ASN D 114 -1.58 -6.20 10.57
C ASN D 114 -1.10 -4.96 11.32
N ASN D 115 -1.34 -4.89 12.62
CA ASN D 115 -0.95 -3.73 13.43
C ASN D 115 -1.51 -2.45 12.84
N ILE D 116 -2.83 -2.43 12.65
CA ILE D 116 -3.52 -1.27 12.08
C ILE D 116 -3.61 -0.22 13.18
N ILE D 117 -2.83 0.85 13.05
CA ILE D 117 -2.49 1.73 14.18
C ILE D 117 -3.22 3.07 14.10
N ASP D 118 -3.05 3.80 13.00
CA ASP D 118 -3.58 5.16 12.93
C ASP D 118 -4.48 5.34 11.72
N ILE D 119 -3.99 4.95 10.55
CA ILE D 119 -4.75 5.05 9.30
C ILE D 119 -5.00 3.63 8.80
N GLN D 120 -6.24 3.35 8.44
CA GLN D 120 -6.66 2.03 7.99
C GLN D 120 -7.08 2.07 6.53
N LYS D 121 -6.69 1.04 5.78
CA LYS D 121 -7.06 0.89 4.39
C LYS D 121 -8.23 -0.07 4.28
N LEU D 122 -9.30 0.36 3.62
CA LEU D 122 -10.52 -0.42 3.48
C LEU D 122 -10.64 -0.94 2.05
N ASP D 123 -11.11 -2.18 1.91
CA ASP D 123 -11.28 -2.83 0.62
C ASP D 123 -12.76 -3.16 0.46
N ILE D 124 -13.41 -2.51 -0.52
CA ILE D 124 -14.84 -2.71 -0.74
C ILE D 124 -15.12 -3.70 -1.88
N GLY D 125 -14.11 -4.41 -2.35
CA GLY D 125 -14.35 -5.41 -3.38
C GLY D 125 -14.69 -4.76 -4.71
N GLU D 126 -15.80 -5.19 -5.30
CA GLU D 126 -16.27 -4.66 -6.57
C GLU D 126 -17.43 -3.71 -6.33
N CYS D 127 -17.35 -2.51 -6.90
CA CYS D 127 -18.40 -1.49 -6.83
C CYS D 127 -18.72 -1.13 -8.27
N SER D 128 -19.73 -1.79 -8.83
CA SER D 128 -20.09 -1.61 -10.24
C SER D 128 -21.60 -1.54 -10.37
N ALA D 129 -22.05 -0.84 -11.41
CA ALA D 129 -23.47 -0.73 -11.72
C ALA D 129 -23.60 -0.47 -13.21
N PRO D 130 -24.61 -1.02 -13.87
CA PRO D 130 -24.75 -0.85 -15.32
C PRO D 130 -24.88 0.61 -15.71
N PRO D 131 -24.64 0.94 -16.98
CA PRO D 131 -24.66 2.35 -17.39
C PRO D 131 -26.02 2.99 -17.14
N GLY D 132 -25.98 4.28 -16.78
CA GLY D 132 -27.16 5.00 -16.35
C GLY D 132 -27.52 4.78 -14.91
N GLN D 133 -26.79 3.93 -14.18
CA GLN D 133 -27.07 3.61 -12.80
C GLN D 133 -25.82 3.85 -11.97
N HIS D 134 -25.92 3.59 -10.66
CA HIS D 134 -24.79 3.74 -9.77
C HIS D 134 -25.02 2.89 -8.53
N MET D 135 -23.95 2.28 -8.02
CA MET D 135 -24.02 1.53 -6.77
C MET D 135 -23.65 2.46 -5.62
N LEU D 136 -24.61 2.71 -4.74
CA LEU D 136 -24.35 3.51 -3.54
C LEU D 136 -23.69 2.64 -2.49
N LEU D 137 -22.59 3.12 -1.92
CA LEU D 137 -21.80 2.36 -0.95
C LEU D 137 -21.45 3.30 0.21
N GLN D 138 -22.29 3.29 1.24
CA GLN D 138 -22.04 4.09 2.43
C GLN D 138 -21.09 3.34 3.35
N ILE D 139 -19.93 3.94 3.62
CA ILE D 139 -18.92 3.35 4.49
C ILE D 139 -18.77 4.26 5.71
N VAL D 140 -18.92 3.68 6.90
CA VAL D 140 -18.77 4.41 8.15
C VAL D 140 -17.56 3.85 8.90
N ASN D 141 -16.71 4.75 9.38
CA ASN D 141 -15.59 4.41 10.24
C ASN D 141 -16.07 4.50 11.69
N THR D 142 -16.01 3.39 12.43
CA THR D 142 -16.50 3.34 13.80
C THR D 142 -15.41 3.48 14.85
N GLY D 143 -14.18 3.73 14.44
CA GLY D 143 -13.12 4.07 15.36
C GLY D 143 -12.20 2.93 15.74
N SER D 144 -12.49 1.71 15.30
CA SER D 144 -11.63 0.57 15.61
C SER D 144 -11.31 -0.19 14.33
N ALA D 145 -10.08 -0.72 14.27
CA ALA D 145 -9.65 -1.46 13.10
C ALA D 145 -10.46 -2.73 12.92
N GLU D 146 -10.80 -3.40 14.03
CA GLU D 146 -11.49 -4.68 13.94
C GLU D 146 -12.93 -4.51 13.51
N ALA D 147 -13.61 -3.47 13.99
CA ALA D 147 -14.98 -3.24 13.53
C ALA D 147 -15.01 -2.81 12.07
N ASN D 148 -14.02 -1.99 11.65
CA ASN D 148 -13.93 -1.62 10.24
C ASN D 148 -13.66 -2.84 9.38
N CYS D 149 -12.79 -3.74 9.85
CA CYS D 149 -12.61 -5.01 9.18
C CYS D 149 -13.94 -5.76 9.06
N GLY D 150 -14.77 -5.69 10.10
CA GLY D 150 -16.05 -6.37 10.05
C GLY D 150 -17.00 -5.76 9.03
N LEU D 151 -17.07 -4.43 8.99
CA LEU D 151 -17.87 -3.78 7.96
C LEU D 151 -17.33 -4.11 6.57
N GLN D 152 -16.01 -4.14 6.43
CA GLN D 152 -15.39 -4.47 5.14
C GLN D 152 -15.84 -5.84 4.66
N THR D 153 -15.76 -6.85 5.52
CA THR D 153 -16.17 -8.18 5.13
C THR D 153 -17.66 -8.22 4.77
N ILE D 154 -18.47 -7.42 5.46
CA ILE D 154 -19.90 -7.41 5.18
C ILE D 154 -20.20 -6.68 3.88
N VAL D 155 -19.47 -5.60 3.59
CA VAL D 155 -19.62 -4.90 2.32
C VAL D 155 -19.43 -5.86 1.16
N LYS D 156 -18.28 -6.53 1.12
CA LYS D 156 -17.88 -7.31 -0.05
C LYS D 156 -18.82 -8.46 -0.33
N SER D 157 -19.48 -9.00 0.71
CA SER D 157 -20.39 -10.13 0.50
C SER D 157 -21.77 -9.65 0.09
N LEU D 158 -22.39 -8.78 0.89
CA LEU D 158 -23.71 -8.27 0.58
C LEU D 158 -23.73 -7.35 -0.64
N ASN D 159 -22.55 -6.95 -1.12
CA ASN D 159 -22.46 -6.13 -2.33
C ASN D 159 -22.98 -6.87 -3.54
N LYS D 160 -22.84 -8.19 -3.57
CA LYS D 160 -23.20 -8.96 -4.75
C LYS D 160 -24.68 -9.26 -4.80
N ILE D 161 -25.34 -9.35 -3.64
CA ILE D 161 -26.75 -9.70 -3.57
C ILE D 161 -27.60 -8.51 -4.01
N TYR D 162 -27.99 -8.50 -5.28
CA TYR D 162 -28.78 -7.40 -5.82
C TYR D 162 -30.21 -7.48 -5.31
N VAL D 163 -30.72 -6.36 -4.80
CA VAL D 163 -32.09 -6.25 -4.34
C VAL D 163 -32.96 -5.93 -5.54
N PRO D 164 -33.98 -6.74 -5.86
CA PRO D 164 -34.76 -6.51 -7.09
C PRO D 164 -35.62 -5.25 -6.96
N PRO D 165 -35.60 -4.43 -8.01
CA PRO D 165 -36.25 -3.13 -7.97
C PRO D 165 -37.76 -3.14 -7.97
N ILE D 166 -38.34 -4.17 -7.32
CA ILE D 166 -39.76 -4.23 -7.07
C ILE D 166 -39.97 -4.20 -5.56
N ILE D 167 -40.25 -5.32 -4.91
CA ILE D 167 -40.14 -5.37 -3.46
C ILE D 167 -38.86 -6.09 -3.02
O1 PG4 E . 31.77 -16.48 8.23
C1 PG4 E . 30.74 -17.37 7.89
C2 PG4 E . 30.02 -17.73 9.18
O2 PG4 E . 28.84 -18.38 8.83
C3 PG4 E . 27.67 -17.66 9.09
C4 PG4 E . 26.57 -18.13 8.15
O3 PG4 E . 25.46 -17.28 8.29
C5 PG4 E . 24.24 -17.95 8.51
C6 PG4 E . 23.95 -17.99 10.01
O4 PG4 E . 24.62 -16.93 10.63
C7 PG4 E . 24.39 -16.83 12.00
C8 PG4 E . 25.18 -17.94 12.71
O5 PG4 E . 26.54 -17.64 12.60
O1 PG4 F . 36.36 -1.06 10.48
C1 PG4 F . 35.77 0.18 10.42
C2 PG4 F . 34.47 0.19 9.65
O2 PG4 F . 33.45 0.34 10.57
C3 PG4 F . 32.68 1.36 10.07
C4 PG4 F . 32.84 2.63 10.89
O3 PG4 F . 31.55 3.20 11.11
C5 PG4 F . 31.06 2.89 12.40
C6 PG4 F . 31.71 3.76 13.44
O4 PG4 F . 31.18 5.02 13.75
C7 PG4 F . 30.16 5.61 13.01
C8 PG4 F . 29.39 6.40 14.02
O5 PG4 F . 28.27 7.02 13.50
C5 PG0 G . -7.54 -15.06 23.41
O2 PG0 G . -6.42 -15.46 24.06
C4 PG0 G . -6.52 -16.46 25.07
C3 PG0 G . -7.26 -16.05 26.33
O1 PG0 G . -6.57 -16.33 27.46
C2 PG0 G . -5.77 -15.25 27.93
C1 PG0 G . -4.31 -15.61 28.10
OTT PG0 G . -3.58 -14.41 28.28
C5 PG0 H . -1.12 -4.49 2.21
O2 PG0 H . -0.89 -5.86 1.89
C4 PG0 H . -1.87 -6.71 2.50
C3 PG0 H . -1.19 -7.62 3.51
O1 PG0 H . -0.76 -8.81 2.86
C2 PG0 H . -0.22 -9.76 3.80
C1 PG0 H . -0.57 -11.17 3.35
OTT PG0 H . -1.92 -11.20 2.89
C5 PG0 I . 1.24 -22.88 33.72
O2 PG0 I . 1.64 -22.39 32.45
C4 PG0 I . 2.44 -21.27 32.47
C3 PG0 I . 3.87 -21.51 32.21
O1 PG0 I . 4.41 -22.77 32.45
C2 PG0 I . 5.81 -22.67 32.63
C1 PG0 I . 6.08 -22.10 33.99
OTT PG0 I . 7.30 -21.53 34.43
C5 PG0 J . -0.67 -7.54 27.81
O2 PG0 J . -1.06 -8.90 27.75
C4 PG0 J . -0.21 -9.81 28.50
C3 PG0 J . 0.50 -10.87 27.70
O1 PG0 J . 1.30 -10.11 26.99
C2 PG0 J . 0.90 -9.28 25.95
C1 PG0 J . 0.69 -9.80 24.51
OTT PG0 J . -0.66 -9.64 24.07
C1 PEG K . 28.77 -10.96 1.60
O1 PEG K . 27.77 -10.60 0.62
C2 PEG K . 29.36 -9.73 2.26
O2 PEG K . 29.92 -9.65 3.57
C3 PEG K . 29.05 -9.14 4.55
C4 PEG K . 29.54 -8.17 5.64
O4 PEG K . 29.30 -6.86 5.24
C1 PEG L . 25.83 -20.93 31.57
O1 PEG L . 26.72 -19.91 31.16
C2 PEG L . 25.13 -20.74 32.94
O2 PEG L . 24.15 -21.73 33.12
C3 PEG L . 22.88 -21.47 33.67
C4 PEG L . 22.63 -22.46 34.81
O4 PEG L . 21.59 -23.36 34.60
C1 EDO M . 26.05 -1.64 5.90
O1 EDO M . 27.20 -1.57 5.04
C2 EDO M . 25.48 -3.06 5.87
O2 EDO M . 26.44 -3.96 6.45
C1 EDO N . 6.19 -2.70 15.74
O1 EDO N . 5.57 -3.93 16.11
C2 EDO N . 5.65 -2.25 14.38
O2 EDO N . 6.65 -1.50 13.70
C1 EDO O . 12.24 -26.43 -7.32
O1 EDO O . 13.45 -27.12 -7.63
C2 EDO O . 12.37 -24.96 -7.74
O2 EDO O . 11.12 -24.51 -8.28
C1 EDO P . 9.39 -22.21 -5.44
O1 EDO P . 10.30 -22.51 -4.38
C2 EDO P . 8.56 -20.98 -5.06
O2 EDO P . 7.82 -20.54 -6.20
C1 EDO Q . 9.09 -9.71 31.96
O1 EDO Q . 9.85 -9.95 30.84
C2 EDO Q . 9.04 -10.94 32.85
O2 EDO Q . 8.01 -10.89 33.81
C1 EDO R . 5.27 -19.59 36.46
O1 EDO R . 5.02 -19.64 35.06
C2 EDO R . 4.85 -20.81 37.25
O2 EDO R . 4.27 -20.29 38.40
C1 EDO S . -7.01 -17.84 30.23
O1 EDO S . -6.82 -18.94 29.33
C2 EDO S . -7.91 -18.27 31.38
O2 EDO S . -7.15 -19.00 32.34
C1 EDO T . -3.63 -28.68 7.29
O1 EDO T . -2.80 -27.54 7.43
C2 EDO T . -2.99 -30.01 7.08
O2 EDO T . -3.09 -30.70 8.23
C1 EDO U . 2.42 -26.38 39.38
O1 EDO U . 3.64 -26.11 38.67
C2 EDO U . 1.90 -25.09 40.00
O2 EDO U . 0.67 -24.72 39.35
C1 GOL V . 3.75 0.70 8.32
O1 GOL V . 2.58 0.24 7.63
C2 GOL V . 4.26 0.23 9.68
O2 GOL V . 3.48 -0.53 10.48
C3 GOL V . 5.42 -0.66 9.72
O3 GOL V . 6.68 -0.13 10.03
C1 PDO W . 32.56 -10.62 1.22
O1 PDO W . 32.81 -9.25 1.12
C2 PDO W . 32.04 -10.97 -0.11
C3 PDO W . 30.74 -11.62 -0.28
O3 PDO W . 30.85 -11.48 -1.67
C1 PDO X . 19.54 -26.15 16.63
O1 PDO X . 19.60 -24.84 16.05
C2 PDO X . 18.13 -26.70 16.51
C3 PDO X . 17.95 -27.49 15.22
O3 PDO X . 16.57 -27.84 15.06
C1 PDO Y . -8.87 -20.27 10.60
O1 PDO Y . -9.55 -21.33 9.92
C2 PDO Y . -9.47 -20.11 11.99
C3 PDO Y . -8.39 -19.77 13.01
O3 PDO Y . -8.87 -20.05 14.34
C1 PDO Z . 6.05 -8.66 22.33
O1 PDO Z . 6.52 -9.94 22.80
C2 PDO Z . 4.71 -8.82 21.64
C3 PDO Z . 3.83 -7.59 21.85
O3 PDO Z . 2.46 -7.98 21.83
C1 PDO AA . -1.68 -25.41 30.10
O1 PDO AA . -0.26 -25.51 29.95
C2 PDO AA . -2.01 -24.79 31.45
C3 PDO AA . -3.23 -23.88 31.34
O3 PDO AA . -3.32 -23.07 32.52
C1 PDO BA . 6.57 -16.01 35.90
O1 PDO BA . 7.92 -16.13 36.37
C2 PDO BA . 5.80 -15.04 36.81
C3 PDO BA . 4.42 -15.59 37.13
O3 PDO BA . 4.37 -15.96 38.52
C1 PDO CA . 18.90 -20.63 3.83
O1 PDO CA . 17.62 -20.20 3.75
C2 PDO CA . 19.12 -22.06 4.01
C3 PDO CA . 19.79 -22.41 5.29
O3 PDO CA . 21.00 -21.81 5.20
C1 EOH DA . 4.63 -6.06 18.89
C2 EOH DA . 3.71 -5.65 17.85
O EOH DA . 5.70 -6.86 18.39
C1 EOH EA . 27.30 -21.26 11.09
C2 EOH EA . 27.06 -21.15 12.58
O EOH EA . 27.00 -20.01 10.46
C1 EOH FA . -4.40 -20.19 -3.27
C2 EOH FA . -4.88 -19.08 -4.16
O EOH FA . -3.25 -20.82 -3.86
C1 EOH GA . 34.24 -3.63 13.07
C2 EOH GA . 35.53 -3.77 12.34
O EOH GA . 33.20 -3.64 12.10
C1 EOH HA . 34.81 -10.00 28.37
C2 EOH HA . 34.68 -9.61 29.83
O EOH HA . 33.56 -9.79 27.70
C1 EOH IA . 32.09 -9.02 33.56
C2 EOH IA . 32.29 -9.17 32.06
O EOH IA . 31.03 -8.09 33.80
C1 EOH JA . 28.96 -12.65 26.18
C2 EOH JA . 28.37 -13.63 27.15
O EOH JA . 30.24 -13.06 26.04
C1 EOH KA . 0.04 -35.64 21.17
C2 EOH KA . 1.15 -35.73 22.17
O EOH KA . 0.38 -36.39 20.02
C1 EOH LA . -1.16 -32.21 24.13
C2 EOH LA . -0.58 -33.57 24.39
O EOH LA . -0.42 -31.22 24.85
C1 EOH MA . -4.81 -29.69 19.82
C2 EOH MA . -6.15 -29.48 19.16
O EOH MA . -4.02 -28.49 19.70
C1 EOH NA . 2.74 -24.95 22.03
C2 EOH NA . 3.39 -26.10 22.77
O EOH NA . 2.14 -25.29 20.85
C1 EOH OA . 6.80 -30.79 1.68
C2 EOH OA . 5.67 -31.47 0.99
O EOH OA . 7.76 -30.71 0.78
C1 EOH PA . -2.73 -19.17 28.66
C2 EOH PA . -1.52 -19.57 29.43
O EOH PA . -3.57 -20.28 28.46
C MOH QA . 1.44 -7.71 8.25
O MOH QA . 1.68 -8.81 7.39
C MOH RA . 4.53 -7.08 -4.66
O MOH RA . 5.64 -7.84 -5.08
C MOH SA . 7.13 -20.34 8.21
O MOH SA . 6.90 -19.12 7.52
C MOH TA . 1.74 -25.32 17.00
O MOH TA . 0.82 -24.24 16.94
C MOH UA . 0.03 -11.25 -7.67
O MOH UA . 1.25 -10.90 -8.25
C MOH VA . 28.20 -9.07 30.72
O MOH VA . 28.78 -9.14 32.02
C MOH WA . -8.50 -15.34 1.56
O MOH WA . -9.80 -14.92 1.88
C MOH XA . -4.34 -23.83 3.97
O MOH XA . -5.21 -22.93 4.64
C1 PGO YA . 28.37 -19.41 15.78
C2 PGO YA . 28.52 -18.08 16.38
C3 PGO YA . 29.85 -17.52 16.16
O1 PGO YA . 29.37 -19.96 14.91
O2 PGO YA . 28.08 -18.15 17.75
C1 PGO ZA . 4.77 -14.15 -7.84
C2 PGO ZA . 5.74 -15.11 -8.54
C3 PGO ZA . 5.00 -16.30 -9.04
O1 PGO ZA . 5.14 -13.48 -6.66
O2 PGO ZA . 6.96 -15.48 -7.91
C1 PGO AB . -1.12 -21.03 24.49
C2 PGO AB . -0.88 -19.65 25.06
C3 PGO AB . -0.62 -19.97 26.47
O1 PGO AB . -1.95 -21.43 23.40
O2 PGO AB . -1.94 -18.68 25.00
C2 ETX BB . 32.39 -16.33 15.89
O2 ETX BB . 32.56 -16.79 14.54
C3 ETX BB . 33.94 -16.93 14.21
C4 ETX BB . 34.15 -16.53 12.76
O1 ETX BB . 31.34 -14.39 14.91
C1 ETX BB . 31.21 -15.37 15.95
C2 ETX CB . 33.46 -12.67 22.84
O2 ETX CB . 34.23 -12.50 21.66
C3 ETX CB . 33.56 -12.57 20.39
C4 ETX CB . 34.27 -11.72 19.35
O1 ETX CB . 33.46 -12.29 24.89
C1 ETX CB . 33.97 -11.70 23.81
O1 PG4 DB . -8.25 40.13 -26.76
C1 PG4 DB . -8.16 38.86 -27.17
C2 PG4 DB . -7.74 38.15 -25.94
O2 PG4 DB . -7.73 36.81 -26.09
C3 PG4 DB . -8.38 36.26 -27.14
C4 PG4 DB . -9.81 36.54 -27.17
O3 PG4 DB . -10.30 35.83 -28.26
C5 PG4 DB . -11.50 36.32 -28.75
C6 PG4 DB . -12.00 35.43 -29.83
O4 PG4 DB . -13.08 35.88 -30.53
C7 PG4 DB . -12.69 36.31 -31.81
C8 PG4 DB . -13.57 37.12 -32.75
O5 PG4 DB . -13.22 38.47 -33.18
C5 PG0 EB . 0.33 18.49 -1.70
O2 PG0 EB . -1.03 18.73 -1.33
C4 PG0 EB . -1.17 18.87 0.09
C3 PG0 EB . -2.64 18.70 0.48
O1 PG0 EB . -3.00 17.32 0.37
C2 PG0 EB . -2.37 16.54 1.37
C1 PG0 EB . -3.18 15.27 1.61
OTT PG0 EB . -2.30 14.13 1.60
C1 PEG FB . 3.94 24.38 -6.49
O1 PEG FB . 4.44 23.42 -7.43
C2 PEG FB . 2.57 23.92 -5.97
O2 PEG FB . 2.75 23.20 -4.75
C3 PEG FB . 1.53 22.60 -4.32
C4 PEG FB . 0.97 23.38 -3.13
O4 PEG FB . -0.46 23.36 -3.18
C1 PEG GB . 0.82 37.70 -12.70
O1 PEG GB . 1.92 37.32 -11.88
C2 PEG GB . 0.39 36.61 -13.65
O2 PEG GB . -0.99 36.25 -13.59
C3 PEG GB . -1.90 37.06 -14.28
C4 PEG GB . -3.13 36.84 -13.45
O4 PEG GB . -4.32 36.57 -14.11
OH2 ETE HB . -35.66 15.20 -1.15
C12 ETE HB . -35.32 14.25 -0.19
C22 ETE HB . -35.89 12.89 -0.45
OH3 ETE HB . -34.90 11.92 -0.50
C13 ETE HB . -33.24 10.45 -1.17
C23 ETE HB . -34.32 11.38 -1.68
OH4 ETE HB . -33.08 9.38 -1.99
C14 ETE HB . -30.56 9.44 -2.03
C24 ETE HB . -31.88 8.73 -1.69
OH5 ETE HB . -30.24 9.85 -3.34
C15 ETE HB . -30.59 11.99 -4.70
C25 ETE HB . -30.12 11.29 -3.43
OH6 ETE HB . -31.19 13.22 -4.54
C26 ETE HB . -32.54 13.07 -4.66
C1 EDO IB . -5.75 18.86 1.28
O1 EDO IB . -5.69 19.74 2.40
C2 EDO IB . -6.56 19.51 0.17
O2 EDO IB . -7.28 18.49 -0.56
C1 EDO JB . 2.90 30.79 -6.14
O1 EDO JB . 4.05 31.34 -5.44
C2 EDO JB . 2.98 29.43 -6.81
O2 EDO JB . 4.02 28.54 -6.51
C1 EDO KB . -7.64 35.31 -16.69
O1 EDO KB . -6.47 35.99 -16.25
C2 EDO KB . -7.48 34.72 -18.08
O2 EDO KB . -7.38 33.30 -18.10
C1 EDO LB . -18.51 27.91 1.40
O1 EDO LB . -18.10 29.24 1.30
C2 EDO LB . -19.30 27.65 2.67
O2 EDO LB . -20.68 27.54 2.47
C1 EDO MB . -19.76 24.18 -25.74
O1 EDO MB . -19.10 25.27 -25.19
C2 EDO MB . -20.89 23.89 -24.76
O2 EDO MB . -21.34 22.64 -25.10
C1 EDO NB . 8.13 22.57 -14.20
O1 EDO NB . 8.91 21.45 -13.93
C2 EDO NB . 8.83 23.77 -13.60
O2 EDO NB . 8.21 24.94 -13.91
C1 PDO OB . -13.85 -0.91 -24.79
O1 PDO OB . -14.20 -1.61 -25.99
C2 PDO OB . -12.70 -1.64 -24.10
C3 PDO OB . -12.82 -1.53 -22.58
O3 PDO OB . -11.61 -2.01 -21.98
C1 PDO PB . -0.82 -2.13 -7.43
O1 PDO PB . -0.87 -2.63 -8.77
C2 PDO PB . 0.55 -2.45 -6.82
C3 PDO PB . 0.79 -1.64 -5.56
O3 PDO PB . 2.20 -1.52 -5.33
C1 PDO QB . 10.96 31.59 -15.35
O1 PDO QB . 11.83 32.72 -15.29
C2 PDO QB . 9.58 32.09 -15.41
C3 PDO QB . 8.69 31.68 -14.22
O3 PDO QB . 9.12 31.84 -12.88
C1 EOH RB . -30.92 18.82 6.43
C2 EOH RB . -30.65 20.22 6.95
O EOH RB . -29.96 18.49 5.43
C1 EOH SB . -6.35 -5.00 -18.90
C2 EOH SB . -6.64 -3.64 -19.53
O EOH SB . -6.57 -4.92 -17.49
C1 EOH TB . -1.41 26.20 -20.49
C2 EOH TB . 0.07 26.21 -20.18
O EOH TB . -1.80 24.89 -20.90
C1 EOH UB . 1.33 36.02 -23.73
C2 EOH UB . 1.46 35.12 -24.94
O EOH UB . 1.62 35.27 -22.54
C1 EOH VB . -22.36 12.30 3.60
C2 EOH VB . -21.31 11.54 2.82
O EOH VB . -23.58 11.55 3.60
C1 EOH WB . -9.50 41.30 -10.81
C2 EOH WB . -9.91 41.39 -12.27
O EOH WB . -10.65 40.99 -10.02
C1 EOH XB . -5.19 19.92 -33.30
C2 EOH XB . -6.48 20.68 -33.51
O EOH XB . -5.14 19.57 -31.95
C1 EOH YB . 5.80 -5.85 -12.97
C2 EOH YB . 6.72 -6.17 -14.13
O EOH YB . 5.26 -4.53 -13.13
C1 EOH ZB . -1.01 24.91 -29.09
C2 EOH ZB . -1.42 26.00 -30.05
O EOH ZB . -1.15 23.63 -29.73
C1 EOH AC . -7.79 38.02 -2.17
C2 EOH AC . -8.79 39.10 -2.29
O EOH AC . -8.38 36.83 -2.47
C1 EOH BC . -9.83 43.31 -26.57
C2 EOH BC . -9.90 44.77 -26.76
O EOH BC . -9.21 43.05 -25.42
C1 EOH CC . 2.37 -7.24 -10.18
C2 EOH CC . 1.15 -6.49 -10.68
O EOH CC . 2.08 -8.01 -9.04
C MOH DC . 9.58 19.40 -10.55
O MOH DC . 9.12 18.25 -11.24
C MOH EC . -17.44 10.25 -23.78
O MOH EC . -16.74 9.03 -23.79
C MOH FC . -19.09 21.67 -23.18
O MOH FC . -18.60 21.05 -24.36
C1 PGO GC . 10.50 18.25 -15.21
C2 PGO GC . 9.85 17.94 -16.56
C3 PGO GC . 8.44 18.41 -16.87
O1 PGO GC . 9.85 17.54 -14.17
O2 PGO GC . 10.44 17.33 -17.39
C1 PGO HC . 4.84 28.75 -17.52
C2 PGO HC . 5.62 30.06 -17.58
C3 PGO HC . 6.75 30.10 -16.57
O1 PGO HC . 5.73 27.69 -17.16
O2 PGO HC . 4.73 31.17 -17.35
C1 PGO IC . -23.84 19.28 -9.29
C2 PGO IC . -24.23 17.85 -9.61
C3 PGO IC . -24.22 16.98 -8.39
O1 PGO IC . -22.80 19.31 -8.35
O2 PGO IC . -23.70 17.23 -10.79
C1 PGE JC . -8.85 17.55 -30.68
O1 PGE JC . -8.68 17.35 -32.09
C2 PGE JC . -9.33 18.97 -30.44
O2 PGE JC . -10.59 18.94 -29.77
C3 PGE JC . -11.18 20.23 -29.66
C4 PGE JC . -10.65 20.93 -28.41
O4 PGE JC . -8.72 24.40 -27.98
C6 PGE JC . -7.97 23.45 -28.72
C5 PGE JC . -8.58 22.07 -28.55
O3 PGE JC . -9.99 22.13 -28.79
C2 ETX KC . -21.27 24.51 -19.55
O2 ETX KC . -20.19 24.25 -20.39
C3 ETX KC . -19.02 23.90 -19.65
C4 ETX KC . -18.59 22.69 -20.41
O1 ETX KC . -23.53 23.73 -19.26
C1 ETX KC . -22.41 23.72 -20.09
C2 ETX LC . -0.25 5.49 -22.65
O2 ETX LC . -1.04 6.62 -22.27
C3 ETX LC . -0.66 7.80 -23.00
C4 ETX LC . -1.88 8.67 -23.22
O1 ETX LC . -2.03 4.05 -21.88
C1 ETX LC . -0.62 4.31 -21.77
C2 ETX MC . 0.55 13.46 -30.05
O2 ETX MC . 0.03 14.77 -30.10
C3 ETX MC . 0.43 15.66 -31.09
C4 ETX MC . -0.75 16.34 -31.72
O1 ETX MC . 0.88 11.76 -28.28
C1 ETX MC . 0.03 12.80 -28.76
C5 PG0 NC . 10.65 19.59 -7.24
O2 PG0 NC . 9.52 19.82 -6.48
C4 PG0 NC . 9.61 19.19 -5.25
C3 PG0 NC . 8.28 18.90 -4.61
O1 PG0 NC . 8.33 18.13 -3.47
C2 PG0 NC . 7.18 17.42 -3.08
C1 PG0 NC . 6.99 16.73 -1.72
OTT PG0 NC . 7.74 15.55 -1.47
C5 PG0 OC . 30.05 -5.10 0.22
O2 PG0 OC . 30.46 -5.86 -0.80
C4 PG0 OC . 30.99 -5.05 -1.75
C3 PG0 OC . 31.45 -5.74 -3.00
O1 PG0 OC . 32.88 -5.85 -3.01
C2 PG0 OC . 33.43 -4.95 -3.93
C1 PG0 OC . 34.54 -4.13 -3.36
OTT PG0 OC . 35.25 -3.77 -4.47
C1 PEG PC . 17.03 15.73 1.96
O1 PEG PC . 16.64 16.13 3.27
C2 PEG PC . 15.88 15.98 0.99
O2 PEG PC . 14.67 15.44 1.55
C3 PEG PC . 13.57 15.60 0.65
C4 PEG PC . 12.79 14.29 0.56
O4 PEG PC . 11.54 14.52 -0.10
C1 PEG QC . 17.39 20.87 -16.89
O1 PEG QC . 17.79 22.05 -16.17
C2 PEG QC . 18.25 20.74 -18.15
O2 PEG QC . 18.97 19.51 -18.10
C3 PEG QC . 20.32 19.72 -17.71
C4 PEG QC . 20.35 20.59 -16.46
O4 PEG QC . 21.72 20.84 -16.08
C1 PEG RC . 25.80 10.33 -30.74
O1 PEG RC . 26.83 11.16 -31.23
C2 PEG RC . 25.67 10.97 -29.43
O2 PEG RC . 24.36 11.44 -29.33
C3 PEG RC . 23.14 10.66 -29.48
C4 PEG RC . 22.22 11.71 -29.07
O4 PEG RC . 21.04 11.96 -29.72
C1 PEG SC . 3.00 3.52 -0.91
O1 PEG SC . 3.29 4.37 0.10
C2 PEG SC . 1.77 2.78 -0.56
O2 PEG SC . 1.77 2.02 0.67
C3 PEG SC . 0.51 1.34 0.70
C4 PEG SC . 0.59 -0.10 1.06
O4 PEG SC . 1.71 -0.46 1.85
O22 P33 TC . 38.28 -3.89 -16.40
C21 P33 TC . 37.21 -4.04 -15.47
C20 P33 TC . 37.74 -3.87 -14.05
O19 P33 TC . 38.35 -2.59 -13.92
C18 P33 TC . 37.44 -1.63 -13.37
C17 P33 TC . 36.05 -1.84 -13.96
O16 P33 TC . 35.14 -2.22 -12.93
C15 P33 TC . 35.72 -3.14 -12.02
C14 P33 TC . 34.67 -3.57 -10.99
O13 P33 TC . 34.33 -2.46 -10.17
C12 P33 TC . 34.55 -2.74 -8.78
C11 P33 TC . 33.63 -1.93 -7.86
O10 P33 TC . 32.76 -1.06 -8.58
C9 P33 TC . 32.58 0.18 -7.91
C8 P33 TC . 33.91 0.64 -7.33
O7 P33 TC . 34.18 1.98 -7.74
C6 P33 TC . 35.05 2.65 -6.84
C5 P33 TC . 35.17 4.11 -7.24
O4 P33 TC . 34.00 4.82 -6.83
C3 P33 TC . 34.28 5.77 -5.81
C2 P33 TC . 35.56 6.52 -6.15
O1 P33 TC . 35.26 7.88 -6.47
OH2 ETE UC . 7.56 13.13 17.45
C12 ETE UC . 7.96 11.97 16.66
C22 ETE UC . 7.34 12.09 15.26
OH3 ETE UC . 7.66 13.22 14.46
C13 ETE UC . 6.28 15.11 13.70
C23 ETE UC . 6.98 14.40 14.79
OH4 ETE UC . 7.34 15.43 12.85
C14 ETE UC . 7.48 14.44 10.54
C24 ETE UC . 7.01 15.53 11.47
OH5 ETE UC . 7.96 13.20 11.03
C15 ETE UC . 9.99 12.02 10.58
C25 ETE UC . 8.71 12.58 10.07
OH6 ETE UC . 10.94 12.01 9.59
C26 ETE UC . 12.17 12.18 10.07
C1 EDO VC . 12.22 16.32 9.07
O1 EDO VC . 13.52 16.09 9.18
C2 EDO VC . 11.45 15.27 8.36
O2 EDO VC . 10.68 16.07 7.58
C1 EDO WC . 17.61 -2.03 -18.79
O1 EDO WC . 18.06 -3.24 -18.18
C2 EDO WC . 16.10 -1.89 -18.59
O2 EDO WC . 15.76 -0.50 -18.56
C1 EDO XC . 35.27 -8.02 -13.42
O1 EDO XC . 36.53 -8.00 -12.75
C2 EDO XC . 34.16 -7.63 -12.44
O2 EDO XC . 33.34 -8.77 -12.18
C1 EDO YC . 11.54 16.88 2.66
O1 EDO YC . 12.31 17.89 3.31
C2 EDO YC . 10.06 17.26 2.71
O2 EDO YC . 9.41 16.79 1.52
C1 EDO ZC . 8.82 -15.24 -11.97
O1 EDO ZC . 9.71 -14.60 -12.90
C2 EDO ZC . 7.64 -14.31 -11.69
O2 EDO ZC . 7.23 -13.67 -12.90
C1 EDO AD . 34.75 -1.70 -22.46
O1 EDO AD . 35.33 -2.69 -21.78
C2 EDO AD . 33.51 -2.39 -22.94
O2 EDO AD . 32.67 -1.55 -23.59
C1 EDO BD . 6.07 21.45 -9.79
O1 EDO BD . 6.94 20.57 -10.23
C2 EDO BD . 5.43 22.08 -10.95
O2 EDO BD . 4.10 22.22 -10.84
C1 GOL CD . 30.86 3.13 3.45
O1 GOL CD . 30.07 1.97 3.32
C2 GOL CD . 31.51 3.12 4.88
O2 GOL CD . 32.47 4.14 5.04
C3 GOL CD . 30.33 3.24 5.88
O3 GOL CD . 30.36 2.09 6.69
C1 GOL DD . 13.19 19.75 -3.55
O1 GOL DD . 14.30 20.52 -3.32
C2 GOL DD . 13.73 18.46 -4.00
O2 GOL DD . 13.92 18.57 -5.34
C3 GOL DD . 14.98 17.97 -3.28
O3 GOL DD . 14.91 16.91 -2.32
C1 GOL ED . 18.99 3.22 -28.11
O1 GOL ED . 19.28 4.41 -27.36
C2 GOL ED . 17.55 2.80 -27.96
O2 GOL ED . 16.86 3.44 -27.01
C3 GOL ED . 16.65 3.27 -28.98
O3 GOL ED . 16.05 2.04 -29.22
C1 GOL FD . 22.78 8.33 -32.11
O1 GOL FD . 23.67 8.96 -32.89
C2 GOL FD . 22.97 6.88 -31.94
O2 GOL FD . 23.52 6.71 -30.67
C3 GOL FD . 21.61 6.33 -32.30
O3 GOL FD . 20.54 6.10 -31.35
C1 PDO GD . 18.56 12.37 -26.84
O1 PDO GD . 19.15 13.60 -26.43
C2 PDO GD . 17.18 12.23 -26.21
C3 PDO GD . 17.10 10.98 -25.33
O3 PDO GD . 15.76 10.48 -25.32
C1 PDO HD . 20.43 16.51 -21.82
O1 PDO HD . 20.46 15.89 -23.11
C2 PDO HD . 19.25 15.97 -21.03
C3 PDO HD . 19.27 16.50 -19.60
O3 PDO HD . 17.93 16.54 -19.08
C1 EOH ID . 35.43 10.90 7.69
C2 EOH ID . 36.89 10.50 7.76
O EOH ID . 35.21 12.02 8.56
C1 EOH JD . 10.16 -6.95 -11.69
C2 EOH JD . 9.45 -5.65 -12.03
O EOH JD . 11.46 -6.95 -12.28
C1 EOH KD . 30.90 -14.98 -3.32
C2 EOH KD . 31.69 -16.03 -2.58
O EOH KD . 30.15 -14.20 -2.38
C1 EOH LD . 32.14 -7.83 -5.12
C2 EOH LD . 31.08 -7.04 -5.87
O EOH LD . 32.26 -9.13 -5.72
C1 EOH MD . 22.80 14.85 -28.95
C2 EOH MD . 22.35 15.30 -27.56
O EOH MD . 24.20 14.54 -28.93
C1 EOH ND . 30.54 -13.54 -9.24
C2 EOH ND . 31.68 -14.17 -8.47
O EOH ND . 31.06 -12.73 -10.30
C1 EOH OD . 15.99 -21.22 -8.75
C2 EOH OD . 15.89 -19.89 -9.47
O EOH OD . 16.48 -21.01 -7.42
C1 EOH PD . 13.93 1.63 -24.67
C2 EOH PD . 13.60 1.81 -26.13
O EOH PD . 14.87 2.64 -24.27
C1 EOH QD . 26.76 3.11 -34.07
C2 EOH QD . 25.96 2.71 -35.29
O EOH QD . 26.96 1.95 -33.24
C1 EOH RD . 6.66 9.62 10.67
C2 EOH RD . 5.90 10.92 10.78
O EOH RD . 6.77 9.24 9.30
C MOH SD . 31.49 0.21 -0.71
O MOH SD . 32.37 0.32 -1.80
C MOH TD . 3.34 5.87 -3.69
O MOH TD . 4.63 6.11 -4.23
C MOH UD . 35.71 6.82 -10.96
O MOH UD . 34.52 7.53 -11.17
C MOH VD . 27.35 6.01 3.82
O MOH VD . 28.17 6.66 4.76
C MOH WD . 2.96 9.60 7.16
O MOH WD . 3.70 10.78 6.95
C MOH XD . 5.60 4.09 10.61
O MOH XD . 6.92 4.14 11.09
C1 PGO YD . -0.32 9.45 2.49
C2 PGO YD . 0.88 8.85 1.90
C3 PGO YD . 1.80 10.00 1.73
O1 PGO YD . -1.04 10.18 1.63
O2 PGO YD . 0.53 8.27 0.71
C1 PGE ZD . 37.58 0.04 -10.30
O1 PGE ZD . 37.81 0.79 -11.50
C2 PGE ZD . 36.31 0.54 -9.62
O2 PGE ZD . 36.64 1.55 -8.66
C3 PGE ZD . 37.83 1.21 -7.94
C4 PGE ZD . 37.63 -0.11 -7.23
O4 PGE ZD . 38.94 -0.21 -3.25
C6 PGE ZD . 37.62 -0.69 -3.57
C5 PGE ZD . 37.57 -1.06 -5.05
O3 PGE ZD . 37.40 0.13 -5.84
C1 PGE AE . 25.11 -30.93 -1.85
O1 PGE AE . 26.15 -31.21 -2.78
C2 PGE AE . 23.91 -30.34 -2.58
O2 PGE AE . 22.94 -29.90 -1.64
C3 PGE AE . 21.81 -29.31 -2.28
C4 PGE AE . 22.28 -28.44 -3.43
O4 PGE AE . 19.06 -27.13 -4.52
C6 PGE AE . 19.84 -27.26 -5.71
C5 PGE AE . 21.30 -27.46 -5.35
O3 PGE AE . 21.44 -28.64 -4.56
C1 PGE BE . 21.73 5.44 10.29
O1 PGE BE . 20.89 4.48 10.54
C2 PGE BE . 20.90 6.62 9.96
O2 PGE BE . 19.68 6.81 10.43
C3 PGE BE . 19.73 8.15 10.32
C4 PGE BE . 18.42 8.84 10.14
O4 PGE BE . 18.28 10.36 13.53
C6 PGE BE . 17.13 10.48 12.69
C5 PGE BE . 17.29 10.69 11.24
O3 PGE BE . 18.44 10.10 10.83
C2 ETX CE . 20.68 0.75 -32.02
O2 ETX CE . 22.09 0.88 -31.82
C3 ETX CE . 22.48 2.25 -31.74
C4 ETX CE . 23.44 2.44 -30.59
O1 ETX CE . 20.86 -0.70 -30.10
C1 ETX CE . 20.02 0.28 -30.72
O1 PG4 DE . -16.91 -10.39 30.03
C1 PG4 DE . -17.98 -10.01 29.31
C2 PG4 DE . -18.41 -11.31 28.70
O2 PG4 DE . -19.62 -11.35 27.94
C3 PG4 DE . -20.17 -12.53 27.55
C4 PG4 DE . -19.16 -13.44 26.91
O3 PG4 DE . -18.30 -14.01 27.76
C5 PG4 DE . -17.35 -14.33 26.93
C6 PG4 DE . -16.19 -13.86 27.57
O4 PG4 DE . -15.45 -14.88 27.97
C7 PG4 DE . -14.14 -14.95 27.54
C8 PG4 DE . -13.29 -15.22 28.70
O5 PG4 DE . -13.72 -14.78 29.95
O1 PG4 EE . -11.46 -15.78 20.54
C1 PG4 EE . -12.37 -15.90 21.64
C2 PG4 EE . -13.55 -14.96 21.42
O2 PG4 EE . -13.13 -13.62 21.68
C3 PG4 EE . -14.22 -12.79 22.10
C4 PG4 EE . -13.67 -11.63 22.92
O3 PG4 EE . -14.77 -10.92 23.52
C5 PG4 EE . -15.13 -11.48 24.78
C6 PG4 EE . -16.24 -10.64 25.40
O4 PG4 EE . -17.50 -11.04 24.89
C7 PG4 EE . -18.53 -10.10 25.20
C8 PG4 EE . -19.88 -10.80 25.16
O5 PG4 EE . -19.96 -11.63 24.00
C5 PG0 FE . -34.42 0.85 2.11
O2 PG0 FE . -33.56 1.49 3.06
C4 PG0 FE . -33.70 0.92 4.36
C3 PG0 FE . -35.02 1.35 4.96
O1 PG0 FE . -34.86 2.60 5.63
C2 PG0 FE . -34.91 2.45 7.05
C1 PG0 FE . -35.31 3.77 7.69
OTT PG0 FE . -36.74 3.91 7.66
C5 PG0 GE . -7.66 -12.61 21.84
O2 PG0 GE . -8.42 -11.53 21.30
C4 PG0 GE . -9.82 -11.71 21.53
C3 PG0 GE . -10.30 -12.94 20.76
O1 PG0 GE . -10.32 -12.65 19.36
C2 PG0 GE . -9.67 -13.66 18.60
C1 PG0 GE . -8.75 -13.02 17.58
OTT PG0 GE . -7.76 -12.22 18.26
C1 PEG HE . -33.73 0.27 8.44
O1 PEG HE . -33.36 -0.47 7.27
C2 PEG HE . -33.20 -0.43 9.69
O2 PEG HE . -33.94 -0.01 10.82
C3 PEG HE . -33.78 -0.91 11.92
C4 PEG HE . -32.33 -0.85 12.41
O4 PEG HE . -32.03 0.48 12.85
C1 PEG IE . -23.80 9.12 8.20
O1 PEG IE . -22.98 8.31 9.04
C2 PEG IE . -24.42 8.26 7.11
O2 PEG IE . -24.07 8.77 5.82
C3 PEG IE . -23.61 7.75 4.95
C4 PEG IE . -22.08 7.79 4.88
O4 PEG IE . -21.55 6.60 5.49
C1 PEG JE . 4.74 9.80 13.85
O1 PEG JE . 6.00 9.62 14.39
C2 PEG JE . 3.68 9.77 14.94
O2 PEG JE . 2.86 10.93 15.03
C3 PEG JE . 1.51 10.70 15.38
C4 PEG JE . 1.44 9.84 16.61
O4 PEG JE . 1.84 10.70 17.61
O1 P6G KE . -8.53 -0.14 16.53
C2 P6G KE . -7.52 -1.04 17.05
C3 P6G KE . -6.21 -0.79 16.33
O4 P6G KE . -5.16 -1.48 17.01
C5 P6G KE . -4.70 -2.61 16.26
C6 P6G KE . -3.43 -3.15 16.89
O7 P6G KE . -3.64 -4.48 17.35
C8 P6G KE . -3.93 -4.52 18.75
C9 P6G KE . -4.17 -5.96 19.19
O10 P6G KE . -5.55 -6.28 19.03
C11 P6G KE . -5.91 -7.45 19.73
C12 P6G KE . -7.11 -7.16 20.63
O13 P6G KE . -8.18 -8.04 20.31
C14 P6G KE . -9.27 -7.36 19.71
C15 P6G KE . -9.81 -6.30 20.67
O16 P6G KE . -11.19 -6.08 20.40
C17 P6G KE . -11.68 -4.93 21.10
C18 P6G KE . -12.87 -5.35 21.97
O19 P6G KE . -13.68 -4.20 22.24
O1 P6G LE . 0.78 5.50 20.70
C2 P6G LE . 2.03 5.10 21.23
C3 P6G LE . 2.77 4.23 20.24
O4 P6G LE . 4.15 4.25 20.44
C5 P6G LE . 4.95 3.97 19.33
C6 P6G LE . 6.32 3.53 19.75
O7 P6G LE . 7.16 4.61 19.56
C8 P6G LE . 6.73 5.73 20.29
C9 P6G LE . 7.36 6.91 19.58
O10 P6G LE . 6.36 7.46 18.85
C11 P6G LE . 5.88 6.55 17.93
C12 P6G LE . 6.64 6.68 16.62
O13 P6G LE . 7.30 5.46 16.23
C14 P6G LE . 6.49 4.48 15.62
C15 P6G LE . 5.68 3.72 16.59
O16 P6G LE . 4.47 3.37 15.96
C17 P6G LE . 3.41 4.24 16.25
C18 P6G LE . 3.82 5.45 15.45
O19 P6G LE . 3.37 5.38 14.12
O1 P6G ME . -12.76 -13.60 1.26
C2 P6G ME . -14.06 -13.97 1.54
C3 P6G ME . -14.97 -14.04 0.32
O4 P6G ME . -15.81 -15.23 0.27
C5 P6G ME . -16.65 -15.33 -0.84
C6 P6G ME . -17.32 -16.72 -1.00
O7 P6G ME . -16.73 -18.02 -0.77
C8 P6G ME . -16.63 -18.54 0.58
C9 P6G ME . -17.87 -18.72 1.51
O10 P6G ME . -18.06 -19.98 2.17
C11 P6G ME . -19.25 -20.57 1.88
C12 P6G ME . -19.14 -22.05 1.44
O13 P6G ME . -20.41 -22.64 1.31
C14 P6G ME . -21.03 -22.34 2.60
C15 P6G ME . -21.06 -23.36 3.67
O16 P6G ME . -21.46 -24.67 3.31
C17 P6G ME . -22.49 -25.19 4.15
C18 P6G ME . -22.02 -26.13 5.28
O19 P6G ME . -21.02 -25.59 6.13
C1 EDO NE . -21.07 -20.73 12.49
O1 EDO NE . -19.77 -21.33 12.60
C2 EDO NE . -21.56 -20.80 11.05
O2 EDO NE . -22.24 -19.57 10.72
C1 EDO OE . -22.27 -4.27 23.67
O1 EDO OE . -21.50 -3.62 24.68
C2 EDO OE . -22.12 -5.77 23.82
O2 EDO OE . -23.17 -6.42 23.12
C1 EDO PE . -30.90 -2.57 20.07
O1 EDO PE . -32.02 -2.74 19.21
C2 EDO PE . -31.36 -1.92 21.37
O2 EDO PE . -30.27 -1.92 22.29
C1 EDO QE . -5.49 0.74 19.87
O1 EDO QE . -4.67 0.07 18.95
C2 EDO QE . -6.59 1.59 19.27
O2 EDO QE . -7.09 2.41 20.24
C1 EDO RE . -8.84 -5.64 -4.78
O1 EDO RE . -8.84 -4.20 -4.72
C2 EDO RE . -10.08 -6.18 -4.07
O2 EDO RE . -11.21 -5.35 -4.39
C1 EDO SE . -32.53 -15.82 12.11
O1 EDO SE . -32.25 -17.22 12.26
C2 EDO SE . -31.97 -15.32 10.78
O2 EDO SE . -33.00 -15.35 9.79
C1 EDO TE . -21.75 -15.58 27.02
O1 EDO TE . -20.80 -15.95 27.94
C2 EDO TE . -21.40 -16.28 25.81
O2 EDO TE . -22.24 -16.09 24.77
C1 EDO UE . -35.28 -4.08 6.32
O1 EDO UE . -34.78 -3.20 7.16
C2 EDO UE . -36.40 -4.80 7.05
O2 EDO UE . -37.21 -5.51 6.11
C1 EDO VE . -0.92 -4.84 22.07
O1 EDO VE . -0.56 -3.46 22.01
C2 EDO VE . -0.83 -5.46 20.68
O2 EDO VE . -0.19 -6.74 20.76
C1 EDO WE . -9.39 -8.75 24.77
O1 EDO WE . -8.78 -9.34 25.88
C2 EDO WE . -9.91 -9.83 23.86
O2 EDO WE . -11.30 -10.13 23.92
C1 EDO XE . -25.27 -24.34 0.32
O1 EDO XE . -24.05 -24.37 1.05
C2 EDO XE . -25.20 -23.26 -0.76
O2 EDO XE . -25.56 -23.83 -2.02
C1 GOL YE . -22.30 -6.95 26.72
O1 GOL YE . -22.43 -8.09 26.01
C2 GOL YE . -23.62 -6.57 27.31
O2 GOL YE . -23.78 -7.16 28.51
C3 GOL YE . -23.62 -5.07 27.51
O3 GOL YE . -24.45 -4.32 26.69
C1 PDO ZE . -13.25 13.05 12.86
O1 PDO ZE . -12.68 11.86 13.43
C2 PDO ZE . -14.76 12.90 12.76
C3 PDO ZE . -15.33 13.83 11.70
O3 PDO ZE . -16.71 13.50 11.47
C1 PDO AF . -22.42 -14.74 16.44
O1 PDO AF . -23.08 -13.59 15.91
C2 PDO AF . -21.93 -15.63 15.29
C3 PDO AF . -20.50 -16.07 15.52
O3 PDO AF . -20.12 -17.00 14.50
C1 EOH BF . -9.07 -17.35 16.85
C2 EOH BF . -10.47 -17.95 16.79
O EOH BF . -8.76 -16.92 18.16
C1 EOH CF . -14.76 -21.27 6.59
C2 EOH CF . -14.38 -22.40 5.65
O EOH CF . -16.17 -21.03 6.51
C1 EOH DF . -19.58 0.15 -19.70
C2 EOH DF . -18.25 -0.40 -20.15
O EOH DF . -20.39 0.45 -20.86
C1 EOH EF . -15.52 -13.25 31.84
C2 EOH EF . -14.79 -14.11 32.84
O EOH EF . -16.90 -13.14 32.23
C1 EOH FF . -29.17 -23.76 19.41
C2 EOH FF . -29.83 -24.63 18.35
O EOH FF . -29.81 -22.47 19.44
C1 EOH GF . -33.46 6.42 6.52
C2 EOH GF . -33.50 7.70 7.33
O EOH GF . -32.49 5.54 7.09
C1 EOH HF . -6.45 9.49 19.13
C2 EOH HF . -6.30 8.29 20.05
O EOH HF . -6.83 10.63 19.91
C1 EOH IF . -29.06 6.55 6.20
C2 EOH IF . -29.37 5.88 7.53
O EOH IF . -29.24 5.60 5.15
C1 EOH JF . -15.99 -10.38 -2.84
C2 EOH JF . -14.60 -10.93 -2.59
O EOH JF . -15.90 -9.22 -3.67
C1 EOH KF . -21.79 8.95 -15.30
C2 EOH KF . -22.36 8.84 -13.98
O EOH KF . -21.82 7.78 -15.94
C1 EOH LF . -11.83 3.93 20.27
C2 EOH LF . -11.48 5.07 21.10
O EOH LF . -13.06 4.19 19.84
C1 EOH MF . -13.97 -3.70 25.55
C2 EOH MF . -13.57 -5.16 25.53
O EOH MF . -15.28 -3.57 24.98
C MOH NF . -30.88 -8.76 15.40
O MOH NF . -32.02 -8.09 14.90
C MOH OF . -27.01 9.73 -17.64
O MOH OF . -25.89 9.25 -16.93
C MOH PF . -29.27 -24.38 5.03
O MOH PF . -30.50 -24.04 4.47
C MOH QF . -33.34 7.91 11.69
O MOH QF . -32.40 7.32 12.56
C MOH RF . -18.67 14.90 16.87
O MOH RF . -17.44 14.20 16.83
C MOH SF . -2.73 7.50 18.75
O MOH SF . -3.53 8.42 18.02
C MOH TF . -34.81 8.91 -4.66
O MOH TF . -34.71 7.77 -3.84
C MOH UF . -33.59 -21.32 13.22
O MOH UF . -33.46 -20.17 13.99
C1 PGO VF . -21.42 11.16 11.80
C2 PGO VF . -22.62 10.51 12.49
C3 PGO VF . -23.77 11.35 12.81
O1 PGO VF . -21.71 12.05 10.75
O2 PGO VF . -22.34 10.07 13.75
C1 PGO WF . -23.75 8.31 24.76
C2 PGO WF . -24.70 7.31 24.10
C3 PGO WF . -26.13 7.80 24.15
O1 PGO WF . -24.14 8.49 26.13
O2 PGO WF . -24.59 6.04 24.77
C1 PGO XF . -5.75 10.01 14.93
C2 PGO XF . -4.97 10.98 14.09
C3 PGO XF . -3.48 10.96 14.14
O1 PGO XF . -5.03 9.06 15.51
O2 PGO XF . -5.51 12.20 14.40
C1 PGE YF . -27.79 -24.96 12.79
O1 PGE YF . -28.91 -24.94 13.68
C2 PGE YF . -28.29 -25.01 11.35
O2 PGE YF . -27.17 -25.07 10.46
C3 PGE YF . -27.12 -26.30 9.75
C4 PGE YF . -27.40 -26.05 8.27
O4 PGE YF . -24.90 -28.72 5.54
C6 PGE YF . -25.15 -27.77 6.59
C5 PGE YF . -26.52 -27.14 6.37
O3 PGE YF . -27.30 -27.27 7.55
C2 ETX ZF . -34.49 7.60 3.62
O2 ETX ZF . -33.72 6.48 3.88
C3 ETX ZF . -33.51 5.61 2.77
C4 ETX ZF . -32.14 5.48 2.14
O1 ETX ZF . -35.97 9.10 4.74
C1 ETX ZF . -34.82 8.31 4.87
C2 ETX AG . -29.24 7.10 2.41
O2 ETX AG . -28.34 7.31 1.41
C3 ETX AG . -28.96 7.84 0.26
C4 ETX AG . -28.20 8.80 -0.56
O1 ETX AG . -29.26 8.90 4.18
C1 ETX AG . -29.70 8.45 2.92
#